data_7PR1
#
_entry.id   7PR1
#
_cell.length_a   1.00
_cell.length_b   1.00
_cell.length_c   1.00
_cell.angle_alpha   90.00
_cell.angle_beta   90.00
_cell.angle_gamma   90.00
#
_symmetry.space_group_name_H-M   'P 1'
#
loop_
_entity.id
_entity.type
_entity.pdbx_description
1 polymer 'Putative iron-sulfur protein'
2 non-polymer "ADENOSINE-5'-TRIPHOSPHATE"
3 non-polymer 'MAGNESIUM ION'
#
_entity_poly.entity_id   1
_entity_poly.type   'polypeptide(L)'
_entity_poly.pdbx_seq_one_letter_code
;MSPRSRLLASSLRGGLLLRPCSARRSTLLNPSPSPLRKAIFHTTSLRAFKNLAEIATSSKEDASSLKPKGKPSPPGDPLA
TIEKTAAEQRRADWAIIKQMSRYLWPKDSWSDKARVLLALSLLVGGKVLNVHVPFYFREIIDRLNIDVAAVGGTVSAVAG
AVIFAYGASRIGAVVSQELRNAVFSSVAQKAIRRVATQTFGHLLNLDLSFHLSKQTGGLTRAIDRGTKGISYLLTSMVFH
IVPTALEIGMVCGILTYQFGWEFAAITAATMAAYTAFTITTTAWRTKFRRQANAADNAASTVAVDSLINYEAVKYFNNEA
YEIARYDKALQAYERSSIKVATSLAFLNSGQNIIFSSALTLMMWLGARGVLAGDLSVGDLVLINQLVFQLSVPLNFLGSV
YRELRQSLLDMETLFDLQKVNVTIREAPNAKPLALPKGGEIRFENVTFGYYPDRPILRNLSLTIPAGKKVAVVGPSGCGK
STLLRLLFRSYDPQQGKIFIDDQDIKSVTLESLRKSIGVVPQDTPLFNDTVELNIRYGNVNATQEQVIAAAQKAHIHEKI
ISWPHGYQTRVGERGLMISGGEKQRLAVSRLILKDPPLLFFDQATSALDTHTEQALMANINEVVKEKKRTALFVAHRLRT
IYDADLIIVLKEGVVVEQGSHRELMERDGVYAELWMAQEMLHQGEAAEEPAEGEKAEEKK
;
_entity_poly.pdbx_strand_id   A,B
#
loop_
_chem_comp.id
_chem_comp.type
_chem_comp.name
_chem_comp.formula
ATP non-polymer ADENOSINE-5'-TRIPHOSPHATE 'C10 H16 N5 O13 P3'
MG non-polymer 'MAGNESIUM ION' 'Mg 2'
#
# COMPACT_ATOMS: atom_id res chain seq x y z
N ALA A 92 8.66 -24.19 -12.99
CA ALA A 92 8.52 -23.45 -11.74
C ALA A 92 7.17 -22.76 -11.65
N ASP A 93 6.96 -21.78 -12.53
CA ASP A 93 5.71 -21.01 -12.54
C ASP A 93 4.52 -21.86 -12.98
N TRP A 94 4.77 -23.00 -13.64
CA TRP A 94 3.68 -23.89 -14.02
C TRP A 94 2.97 -24.43 -12.78
N ALA A 95 3.70 -24.66 -11.69
CA ALA A 95 3.07 -25.08 -10.45
C ALA A 95 2.15 -24.00 -9.90
N ILE A 96 2.58 -22.74 -9.97
CA ILE A 96 1.74 -21.64 -9.50
C ILE A 96 0.49 -21.51 -10.36
N ILE A 97 0.63 -21.68 -11.68
CA ILE A 97 -0.53 -21.63 -12.56
C ILE A 97 -1.49 -22.79 -12.26
N LYS A 98 -0.94 -23.98 -11.97
CA LYS A 98 -1.77 -25.12 -11.60
C LYS A 98 -2.54 -24.84 -10.30
N GLN A 99 -1.88 -24.25 -9.31
CA GLN A 99 -2.56 -23.93 -8.06
C GLN A 99 -3.61 -22.86 -8.26
N MET A 100 -3.33 -21.88 -9.12
CA MET A 100 -4.28 -20.80 -9.38
C MET A 100 -5.47 -21.26 -10.20
N SER A 101 -5.32 -22.34 -10.98
CA SER A 101 -6.40 -22.80 -11.86
C SER A 101 -7.64 -23.28 -11.12
N ARG A 102 -7.55 -23.50 -9.80
CA ARG A 102 -8.72 -23.90 -9.04
C ARG A 102 -9.79 -22.81 -8.99
N TYR A 103 -9.42 -21.56 -9.25
CA TYR A 103 -10.40 -20.48 -9.26
C TYR A 103 -11.15 -20.40 -10.58
N LEU A 104 -10.68 -21.08 -11.63
CA LEU A 104 -11.45 -21.20 -12.85
C LEU A 104 -12.62 -22.17 -12.68
N TRP A 105 -12.46 -23.16 -11.82
CA TRP A 105 -13.40 -24.28 -11.71
C TRP A 105 -13.84 -24.44 -10.26
N PRO A 106 -14.70 -23.55 -9.78
CA PRO A 106 -15.23 -23.70 -8.42
C PRO A 106 -16.18 -24.89 -8.33
N LYS A 107 -16.19 -25.53 -7.15
CA LYS A 107 -16.96 -26.75 -6.94
C LYS A 107 -18.21 -26.52 -6.09
N ASP A 108 -18.60 -25.28 -5.85
CA ASP A 108 -19.70 -24.99 -4.93
C ASP A 108 -20.88 -24.31 -5.60
N SER A 109 -20.66 -23.17 -6.26
CA SER A 109 -21.78 -22.34 -6.69
C SER A 109 -22.52 -22.92 -7.88
N TRP A 110 -21.78 -23.39 -8.88
CA TRP A 110 -22.26 -24.01 -10.12
C TRP A 110 -22.90 -22.98 -11.05
N SER A 111 -23.12 -21.76 -10.55
CA SER A 111 -23.61 -20.68 -11.40
C SER A 111 -22.46 -19.90 -12.02
N ASP A 112 -21.39 -19.69 -11.26
CA ASP A 112 -20.15 -19.18 -11.86
C ASP A 112 -19.54 -20.20 -12.82
N LYS A 113 -19.82 -21.50 -12.62
CA LYS A 113 -19.47 -22.48 -13.63
C LYS A 113 -20.24 -22.24 -14.92
N ALA A 114 -21.53 -21.90 -14.81
CA ALA A 114 -22.31 -21.54 -15.99
C ALA A 114 -21.77 -20.27 -16.65
N ARG A 115 -21.34 -19.30 -15.84
CA ARG A 115 -20.73 -18.09 -16.38
C ARG A 115 -19.43 -18.40 -17.11
N VAL A 116 -18.62 -19.31 -16.56
CA VAL A 116 -17.38 -19.71 -17.21
C VAL A 116 -17.66 -20.39 -18.55
N LEU A 117 -18.65 -21.29 -18.57
CA LEU A 117 -18.99 -21.97 -19.82
C LEU A 117 -19.55 -21.00 -20.85
N LEU A 118 -20.38 -20.04 -20.42
CA LEU A 118 -20.90 -19.03 -21.34
C LEU A 118 -19.78 -18.15 -21.89
N ALA A 119 -18.83 -17.77 -21.03
CA ALA A 119 -17.70 -16.98 -21.49
C ALA A 119 -16.85 -17.75 -22.48
N LEU A 120 -16.64 -19.05 -22.24
CA LEU A 120 -15.87 -19.86 -23.17
C LEU A 120 -16.60 -20.03 -24.50
N SER A 121 -17.91 -20.21 -24.47
CA SER A 121 -18.68 -20.33 -25.70
C SER A 121 -18.65 -19.05 -26.50
N LEU A 122 -18.79 -17.90 -25.83
CA LEU A 122 -18.68 -16.63 -26.52
C LEU A 122 -17.27 -16.38 -27.02
N LEU A 123 -16.26 -16.89 -26.30
CA LEU A 123 -14.88 -16.81 -26.76
C LEU A 123 -14.70 -17.54 -28.08
N VAL A 124 -15.17 -18.78 -28.14
CA VAL A 124 -15.05 -19.57 -29.36
C VAL A 124 -15.85 -18.95 -30.50
N GLY A 125 -17.07 -18.48 -30.21
CA GLY A 125 -17.87 -17.86 -31.24
C GLY A 125 -17.26 -16.58 -31.78
N GLY A 126 -16.69 -15.77 -30.89
CA GLY A 126 -16.03 -14.55 -31.33
C GLY A 126 -14.81 -14.83 -32.19
N LYS A 127 -14.01 -15.84 -31.79
CA LYS A 127 -12.85 -16.18 -32.60
C LYS A 127 -13.27 -16.72 -33.96
N VAL A 128 -14.34 -17.52 -34.01
CA VAL A 128 -14.83 -18.05 -35.29
C VAL A 128 -15.31 -16.93 -36.20
N LEU A 129 -16.06 -15.95 -35.65
CA LEU A 129 -16.50 -14.83 -36.48
C LEU A 129 -15.33 -13.97 -36.94
N ASN A 130 -14.36 -13.75 -36.06
CA ASN A 130 -13.17 -12.98 -36.41
C ASN A 130 -12.37 -13.67 -37.50
N VAL A 131 -12.41 -15.01 -37.54
CA VAL A 131 -11.75 -15.73 -38.63
C VAL A 131 -12.63 -15.79 -39.89
N HIS A 132 -13.94 -15.64 -39.76
CA HIS A 132 -14.77 -15.52 -40.96
C HIS A 132 -14.58 -14.20 -41.68
N VAL A 133 -14.33 -13.10 -40.97
CA VAL A 133 -14.31 -11.82 -41.67
C VAL A 133 -13.25 -11.70 -42.77
N PRO A 134 -12.06 -12.32 -42.71
CA PRO A 134 -11.23 -12.35 -43.93
C PRO A 134 -11.83 -13.15 -45.05
N PHE A 135 -12.63 -14.18 -44.75
CA PHE A 135 -13.27 -14.94 -45.83
C PHE A 135 -14.30 -14.09 -46.55
N TYR A 136 -15.06 -13.29 -45.82
CA TYR A 136 -16.00 -12.37 -46.46
C TYR A 136 -15.26 -11.28 -47.22
N PHE A 137 -14.12 -10.82 -46.73
CA PHE A 137 -13.33 -9.87 -47.50
C PHE A 137 -12.82 -10.49 -48.80
N ARG A 138 -12.38 -11.75 -48.73
CA ARG A 138 -11.97 -12.47 -49.94
C ARG A 138 -13.14 -12.60 -50.91
N GLU A 139 -14.33 -12.89 -50.39
CA GLU A 139 -15.50 -13.01 -51.25
C GLU A 139 -15.85 -11.68 -51.92
N ILE A 140 -15.76 -10.57 -51.18
CA ILE A 140 -15.99 -9.25 -51.78
C ILE A 140 -14.97 -8.99 -52.88
N ILE A 141 -13.70 -9.29 -52.61
CA ILE A 141 -12.63 -9.04 -53.57
C ILE A 141 -12.85 -9.85 -54.84
N ASP A 142 -13.20 -11.13 -54.68
CA ASP A 142 -13.38 -11.98 -55.85
C ASP A 142 -14.63 -11.60 -56.65
N ARG A 143 -15.72 -11.27 -55.96
CA ARG A 143 -16.96 -10.94 -56.66
C ARG A 143 -16.86 -9.57 -57.34
N LEU A 144 -16.02 -8.69 -56.82
CA LEU A 144 -15.78 -7.42 -57.51
C LEU A 144 -14.69 -7.52 -58.56
N ASN A 145 -13.85 -8.55 -58.51
CA ASN A 145 -12.77 -8.69 -59.47
C ASN A 145 -13.26 -9.40 -60.74
N ILE A 146 -13.90 -10.56 -60.57
CA ILE A 146 -14.31 -11.33 -61.75
C ILE A 146 -15.50 -10.68 -62.45
N ASP A 147 -16.29 -9.88 -61.72
CA ASP A 147 -17.48 -9.23 -62.28
C ASP A 147 -17.22 -7.77 -62.60
N VAL A 148 -16.02 -7.44 -63.07
CA VAL A 148 -15.75 -6.07 -63.49
C VAL A 148 -16.19 -5.85 -64.94
N ALA A 149 -16.26 -6.92 -65.73
CA ALA A 149 -16.63 -6.78 -67.14
C ALA A 149 -18.12 -6.47 -67.27
N ALA A 150 -18.98 -7.22 -66.58
CA ALA A 150 -20.41 -7.03 -66.69
C ALA A 150 -20.85 -5.82 -65.85
N VAL A 151 -21.83 -5.09 -66.38
CA VAL A 151 -22.34 -3.89 -65.72
C VAL A 151 -23.38 -4.30 -64.70
N GLY A 152 -23.22 -3.84 -63.46
CA GLY A 152 -24.17 -4.14 -62.40
C GLY A 152 -24.06 -3.12 -61.28
N GLY A 153 -25.06 -3.16 -60.40
CA GLY A 153 -25.10 -2.29 -59.25
C GLY A 153 -24.60 -2.99 -58.00
N THR A 154 -24.04 -2.22 -57.07
CA THR A 154 -23.49 -2.77 -55.84
C THR A 154 -24.53 -2.94 -54.75
N VAL A 155 -25.80 -2.58 -55.02
CA VAL A 155 -26.84 -2.68 -53.99
C VAL A 155 -27.08 -4.13 -53.62
N SER A 156 -27.50 -4.94 -54.58
CA SER A 156 -27.66 -6.36 -54.33
C SER A 156 -27.12 -7.24 -55.44
N ALA A 157 -26.83 -6.69 -56.62
CA ALA A 157 -26.52 -7.53 -57.77
C ALA A 157 -25.16 -8.19 -57.64
N VAL A 158 -24.19 -7.49 -57.06
CA VAL A 158 -22.78 -7.90 -57.10
C VAL A 158 -22.25 -8.27 -55.73
N ALA A 159 -22.31 -7.34 -54.76
CA ALA A 159 -21.61 -7.61 -53.50
C ALA A 159 -22.33 -7.10 -52.26
N GLY A 160 -23.60 -6.74 -52.34
CA GLY A 160 -24.27 -6.15 -51.18
C GLY A 160 -24.43 -7.11 -50.02
N ALA A 161 -24.86 -8.34 -50.32
CA ALA A 161 -25.08 -9.31 -49.24
C ALA A 161 -23.78 -9.66 -48.55
N VAL A 162 -22.69 -9.77 -49.31
CA VAL A 162 -21.43 -10.13 -48.68
C VAL A 162 -20.77 -8.92 -47.99
N ILE A 163 -21.07 -7.69 -48.43
CA ILE A 163 -20.64 -6.51 -47.68
C ILE A 163 -21.31 -6.48 -46.31
N PHE A 164 -22.63 -6.69 -46.29
CA PHE A 164 -23.34 -6.77 -45.02
C PHE A 164 -22.87 -7.95 -44.18
N ALA A 165 -22.57 -9.08 -44.82
CA ALA A 165 -22.06 -10.23 -44.08
C ALA A 165 -20.73 -9.91 -43.41
N TYR A 166 -19.83 -9.25 -44.14
CA TYR A 166 -18.54 -8.85 -43.58
C TYR A 166 -18.72 -7.93 -42.40
N GLY A 167 -19.53 -6.89 -42.56
CA GLY A 167 -19.73 -5.94 -41.47
C GLY A 167 -20.37 -6.57 -40.25
N ALA A 168 -21.42 -7.38 -40.46
CA ALA A 168 -22.11 -8.03 -39.36
C ALA A 168 -21.21 -9.04 -38.65
N SER A 169 -20.32 -9.73 -39.38
CA SER A 169 -19.44 -10.68 -38.73
C SER A 169 -18.36 -9.97 -37.92
N ARG A 170 -17.87 -8.84 -38.40
CA ARG A 170 -16.93 -8.04 -37.61
C ARG A 170 -17.59 -7.55 -36.31
N ILE A 171 -18.81 -7.02 -36.44
CA ILE A 171 -19.59 -6.61 -35.27
C ILE A 171 -19.80 -7.77 -34.32
N GLY A 172 -20.18 -8.94 -34.85
CA GLY A 172 -20.43 -10.08 -34.00
C GLY A 172 -19.19 -10.52 -33.25
N ALA A 173 -18.04 -10.52 -33.92
CA ALA A 173 -16.80 -10.91 -33.27
C ALA A 173 -16.48 -10.00 -32.10
N VAL A 174 -16.48 -8.69 -32.34
CA VAL A 174 -16.07 -7.78 -31.28
C VAL A 174 -17.11 -7.72 -30.15
N VAL A 175 -18.39 -7.78 -30.51
CA VAL A 175 -19.45 -7.74 -29.51
C VAL A 175 -19.41 -8.98 -28.62
N SER A 176 -19.22 -10.16 -29.21
CA SER A 176 -19.15 -11.36 -28.40
C SER A 176 -17.89 -11.40 -27.55
N GLN A 177 -16.78 -10.85 -28.06
CA GLN A 177 -15.58 -10.76 -27.23
C GLN A 177 -15.81 -9.89 -26.00
N GLU A 178 -16.40 -8.70 -26.19
CA GLU A 178 -16.66 -7.86 -25.03
C GLU A 178 -17.73 -8.45 -24.13
N LEU A 179 -18.68 -9.20 -24.69
CA LEU A 179 -19.72 -9.81 -23.88
C LEU A 179 -19.15 -10.90 -22.98
N ARG A 180 -18.22 -11.72 -23.49
CA ARG A 180 -17.61 -12.70 -22.60
C ARG A 180 -16.65 -12.05 -21.61
N ASN A 181 -16.07 -10.91 -21.97
CA ASN A 181 -15.31 -10.15 -20.97
C ASN A 181 -16.21 -9.73 -19.81
N ALA A 182 -17.39 -9.19 -20.13
CA ALA A 182 -18.35 -8.78 -19.11
C ALA A 182 -18.81 -9.98 -18.29
N VAL A 183 -19.03 -11.12 -18.94
CA VAL A 183 -19.51 -12.30 -18.22
C VAL A 183 -18.46 -12.83 -17.26
N PHE A 184 -17.22 -12.96 -17.72
CA PHE A 184 -16.16 -13.51 -16.87
C PHE A 184 -15.66 -12.53 -15.82
N SER A 185 -15.99 -11.24 -15.94
CA SER A 185 -15.58 -10.28 -14.92
C SER A 185 -16.12 -10.65 -13.55
N SER A 186 -17.36 -11.12 -13.48
CA SER A 186 -17.97 -11.47 -12.19
C SER A 186 -17.23 -12.62 -11.53
N VAL A 187 -16.88 -13.65 -12.31
CA VAL A 187 -16.14 -14.79 -11.78
C VAL A 187 -14.77 -14.35 -11.28
N ALA A 188 -14.09 -13.50 -12.07
CA ALA A 188 -12.77 -13.02 -11.66
C ALA A 188 -12.85 -12.23 -10.35
N GLN A 189 -13.85 -11.34 -10.23
CA GLN A 189 -13.95 -10.52 -9.03
C GLN A 189 -14.36 -11.32 -7.81
N LYS A 190 -15.22 -12.33 -7.96
CA LYS A 190 -15.52 -13.21 -6.84
C LYS A 190 -14.29 -13.98 -6.40
N ALA A 191 -13.47 -14.43 -7.35
CA ALA A 191 -12.20 -15.06 -7.01
C ALA A 191 -11.28 -14.09 -6.26
N ILE A 192 -11.31 -12.81 -6.64
CA ILE A 192 -10.53 -11.79 -5.94
C ILE A 192 -10.94 -11.66 -4.49
N ARG A 193 -12.24 -11.51 -4.22
CA ARG A 193 -12.70 -11.36 -2.85
C ARG A 193 -12.40 -12.59 -2.01
N ARG A 194 -12.60 -13.78 -2.58
CA ARG A 194 -12.31 -15.00 -1.84
C ARG A 194 -10.83 -15.16 -1.53
N VAL A 195 -9.96 -14.88 -2.50
CA VAL A 195 -8.51 -14.99 -2.28
C VAL A 195 -8.06 -13.98 -1.22
N ALA A 196 -8.53 -12.73 -1.32
CA ALA A 196 -8.12 -11.70 -0.39
C ALA A 196 -8.57 -12.02 1.03
N THR A 197 -9.83 -12.45 1.19
CA THR A 197 -10.33 -12.78 2.52
C THR A 197 -9.59 -13.97 3.11
N GLN A 198 -9.33 -15.00 2.30
CA GLN A 198 -8.60 -16.15 2.79
C GLN A 198 -7.18 -15.79 3.21
N THR A 199 -6.50 -14.95 2.43
CA THR A 199 -5.13 -14.62 2.74
C THR A 199 -5.04 -13.71 3.96
N PHE A 200 -5.98 -12.77 4.09
CA PHE A 200 -6.04 -11.93 5.29
C PHE A 200 -6.31 -12.78 6.53
N GLY A 201 -7.22 -13.75 6.41
CA GLY A 201 -7.50 -14.63 7.54
C GLY A 201 -6.29 -15.46 7.93
N HIS A 202 -5.52 -15.91 6.94
CA HIS A 202 -4.30 -16.64 7.26
C HIS A 202 -3.27 -15.73 7.92
N LEU A 203 -3.22 -14.46 7.50
CA LEU A 203 -2.31 -13.51 8.12
C LEU A 203 -2.64 -13.29 9.58
N LEU A 204 -3.93 -13.17 9.91
CA LEU A 204 -4.31 -12.90 11.29
C LEU A 204 -4.04 -14.07 12.23
N ASN A 205 -3.85 -15.28 11.69
CA ASN A 205 -3.52 -16.44 12.52
C ASN A 205 -2.05 -16.78 12.53
N LEU A 206 -1.20 -15.94 11.93
CA LEU A 206 0.23 -16.20 11.94
C LEU A 206 0.81 -15.89 13.32
N ASP A 207 2.09 -16.22 13.48
CA ASP A 207 2.74 -16.08 14.77
C ASP A 207 2.96 -14.61 15.12
N LEU A 208 3.12 -14.36 16.42
CA LEU A 208 3.43 -13.00 16.87
C LEU A 208 4.80 -12.56 16.38
N SER A 209 5.76 -13.49 16.35
CA SER A 209 7.13 -13.14 15.94
C SER A 209 7.17 -12.66 14.49
N PHE A 210 6.38 -13.27 13.61
CA PHE A 210 6.32 -12.82 12.24
C PHE A 210 5.77 -11.40 12.15
N HIS A 211 4.74 -11.09 12.94
CA HIS A 211 4.15 -9.76 12.88
C HIS A 211 5.01 -8.72 13.55
N LEU A 212 5.86 -9.12 14.50
CA LEU A 212 6.81 -8.18 15.09
C LEU A 212 7.98 -7.89 14.17
N SER A 213 8.42 -8.88 13.39
CA SER A 213 9.62 -8.72 12.57
C SER A 213 9.32 -8.24 11.16
N LYS A 214 8.06 -8.02 10.80
CA LYS A 214 7.71 -7.60 9.45
C LYS A 214 7.67 -6.08 9.36
N GLN A 215 7.38 -5.58 8.16
CA GLN A 215 7.12 -4.16 7.92
C GLN A 215 5.64 -3.95 7.68
N THR A 216 5.09 -2.90 8.29
CA THR A 216 3.64 -2.66 8.24
C THR A 216 3.16 -2.47 6.81
N GLY A 217 3.87 -1.67 6.02
CA GLY A 217 3.48 -1.46 4.64
C GLY A 217 3.62 -2.71 3.78
N GLY A 218 4.64 -3.52 4.06
CA GLY A 218 4.96 -4.64 3.18
C GLY A 218 3.87 -5.68 3.10
N LEU A 219 3.28 -6.04 4.24
CA LEU A 219 2.26 -7.08 4.26
C LEU A 219 1.01 -6.66 3.49
N THR A 220 0.50 -5.46 3.78
CA THR A 220 -0.71 -5.00 3.10
C THR A 220 -0.45 -4.72 1.62
N ARG A 221 0.79 -4.29 1.29
CA ARG A 221 1.16 -4.13 -0.11
C ARG A 221 1.16 -5.47 -0.81
N ALA A 222 1.69 -6.50 -0.15
CA ALA A 222 1.66 -7.85 -0.72
C ALA A 222 0.22 -8.31 -0.92
N ILE A 223 -0.65 -8.03 0.04
CA ILE A 223 -2.05 -8.47 -0.05
C ILE A 223 -2.75 -7.83 -1.25
N ASP A 224 -2.81 -6.49 -1.26
CA ASP A 224 -3.61 -5.85 -2.30
C ASP A 224 -2.96 -5.97 -3.67
N ARG A 225 -1.62 -5.93 -3.73
CA ARG A 225 -0.94 -6.12 -5.00
C ARG A 225 -1.09 -7.55 -5.51
N GLY A 226 -1.14 -8.54 -4.61
CA GLY A 226 -1.41 -9.90 -5.03
C GLY A 226 -2.83 -10.09 -5.54
N THR A 227 -3.80 -9.40 -4.93
CA THR A 227 -5.16 -9.46 -5.45
C THR A 227 -5.25 -8.83 -6.84
N LYS A 228 -4.58 -7.69 -7.02
CA LYS A 228 -4.51 -7.09 -8.35
C LYS A 228 -3.83 -8.05 -9.34
N GLY A 229 -2.83 -8.79 -8.86
CA GLY A 229 -2.19 -9.78 -9.71
C GLY A 229 -3.12 -10.92 -10.10
N ILE A 230 -3.89 -11.45 -9.14
CA ILE A 230 -4.87 -12.49 -9.45
C ILE A 230 -5.83 -12.00 -10.52
N SER A 231 -6.37 -10.79 -10.33
CA SER A 231 -7.33 -10.25 -11.30
C SER A 231 -6.70 -10.10 -12.67
N TYR A 232 -5.52 -9.49 -12.73
CA TYR A 232 -4.88 -9.23 -14.01
C TYR A 232 -4.49 -10.52 -14.71
N LEU A 233 -4.01 -11.51 -13.96
CA LEU A 233 -3.53 -12.73 -14.61
C LEU A 233 -4.69 -13.58 -15.08
N LEU A 234 -5.78 -13.66 -14.28
CA LEU A 234 -6.97 -14.38 -14.74
C LEU A 234 -7.57 -13.72 -15.97
N THR A 235 -7.69 -12.39 -15.96
CA THR A 235 -8.25 -11.70 -17.11
C THR A 235 -7.34 -11.77 -18.32
N SER A 236 -6.03 -11.85 -18.12
CA SER A 236 -5.14 -12.01 -19.26
C SER A 236 -5.22 -13.42 -19.83
N MET A 237 -5.30 -14.42 -18.96
CA MET A 237 -5.30 -15.81 -19.42
C MET A 237 -6.61 -16.16 -20.12
N VAL A 238 -7.72 -15.64 -19.61
CA VAL A 238 -9.01 -15.93 -20.25
C VAL A 238 -9.32 -14.94 -21.37
N PHE A 239 -8.81 -13.72 -21.30
CA PHE A 239 -9.20 -12.65 -22.21
C PHE A 239 -8.23 -12.46 -23.36
N HIS A 240 -6.95 -12.78 -23.17
CA HIS A 240 -5.95 -12.44 -24.18
C HIS A 240 -5.06 -13.60 -24.56
N ILE A 241 -4.82 -14.55 -23.66
CA ILE A 241 -3.86 -15.61 -23.94
C ILE A 241 -4.53 -16.81 -24.59
N VAL A 242 -5.57 -17.35 -23.96
CA VAL A 242 -6.32 -18.46 -24.56
C VAL A 242 -6.99 -18.06 -25.88
N PRO A 243 -7.66 -16.90 -25.99
CA PRO A 243 -8.18 -16.53 -27.32
C PRO A 243 -7.10 -16.38 -28.38
N THR A 244 -5.92 -15.88 -28.02
CA THR A 244 -4.87 -15.79 -29.01
C THR A 244 -4.37 -17.18 -29.42
N ALA A 245 -4.18 -18.09 -28.46
CA ALA A 245 -3.73 -19.43 -28.79
C ALA A 245 -4.75 -20.14 -29.68
N LEU A 246 -6.04 -19.93 -29.40
CA LEU A 246 -7.07 -20.45 -30.27
C LEU A 246 -7.01 -19.81 -31.66
N GLU A 247 -6.63 -18.52 -31.72
CA GLU A 247 -6.45 -17.86 -33.01
C GLU A 247 -5.34 -18.49 -33.82
N ILE A 248 -4.17 -18.74 -33.21
CA ILE A 248 -3.11 -19.47 -33.92
C ILE A 248 -3.60 -20.85 -34.34
N GLY A 249 -4.39 -21.50 -33.49
CA GLY A 249 -4.90 -22.81 -33.85
C GLY A 249 -5.72 -22.79 -35.13
N MET A 250 -6.74 -21.92 -35.18
CA MET A 250 -7.58 -21.89 -36.38
C MET A 250 -6.88 -21.27 -37.58
N VAL A 251 -5.98 -20.30 -37.37
CA VAL A 251 -5.26 -19.73 -38.50
C VAL A 251 -4.33 -20.76 -39.14
N CYS A 252 -3.58 -21.51 -38.32
CA CYS A 252 -2.76 -22.59 -38.86
C CYS A 252 -3.61 -23.64 -39.55
N GLY A 253 -4.73 -24.01 -38.94
CA GLY A 253 -5.59 -25.02 -39.55
C GLY A 253 -6.15 -24.58 -40.88
N ILE A 254 -6.61 -23.34 -40.98
CA ILE A 254 -7.22 -22.87 -42.21
C ILE A 254 -6.17 -22.67 -43.31
N LEU A 255 -4.99 -22.16 -42.94
CA LEU A 255 -3.96 -21.98 -43.96
C LEU A 255 -3.38 -23.31 -44.42
N THR A 256 -3.39 -24.33 -43.55
CA THR A 256 -2.99 -25.67 -43.98
C THR A 256 -4.07 -26.37 -44.77
N TYR A 257 -5.34 -26.04 -44.52
CA TYR A 257 -6.43 -26.72 -45.22
C TYR A 257 -6.66 -26.12 -46.60
N GLN A 258 -6.87 -24.81 -46.68
CA GLN A 258 -7.20 -24.20 -47.96
C GLN A 258 -5.99 -24.07 -48.87
N PHE A 259 -4.80 -24.01 -48.31
CA PHE A 259 -3.57 -23.89 -49.07
C PHE A 259 -2.65 -25.06 -48.73
N GLY A 260 -1.45 -25.04 -49.27
CA GLY A 260 -0.56 -26.19 -49.15
C GLY A 260 -0.02 -26.43 -47.77
N TRP A 261 0.78 -27.48 -47.62
CA TRP A 261 1.54 -27.71 -46.39
C TRP A 261 2.68 -26.72 -46.21
N GLU A 262 3.01 -25.96 -47.26
CA GLU A 262 4.07 -24.97 -47.16
C GLU A 262 3.76 -23.94 -46.09
N PHE A 263 2.50 -23.48 -46.04
CA PHE A 263 2.11 -22.50 -45.04
C PHE A 263 2.17 -23.08 -43.64
N ALA A 264 1.84 -24.37 -43.50
CA ALA A 264 1.98 -25.04 -42.21
C ALA A 264 3.43 -25.09 -41.78
N ALA A 265 4.34 -25.41 -42.71
CA ALA A 265 5.76 -25.44 -42.38
C ALA A 265 6.27 -24.07 -41.98
N ILE A 266 5.86 -23.03 -42.71
CA ILE A 266 6.27 -21.66 -42.40
C ILE A 266 5.77 -21.25 -41.02
N THR A 267 4.51 -21.57 -40.71
CA THR A 267 3.97 -21.12 -39.43
C THR A 267 4.52 -21.94 -38.28
N ALA A 268 4.83 -23.22 -38.50
CA ALA A 268 5.48 -24.01 -37.47
C ALA A 268 6.89 -23.49 -37.17
N ALA A 269 7.64 -23.16 -38.22
CA ALA A 269 8.97 -22.57 -38.00
C ALA A 269 8.85 -21.22 -37.30
N THR A 270 7.79 -20.46 -37.62
CA THR A 270 7.56 -19.18 -36.96
C THR A 270 7.28 -19.37 -35.48
N MET A 271 6.44 -20.34 -35.13
CA MET A 271 6.16 -20.59 -33.71
C MET A 271 7.41 -21.08 -32.98
N ALA A 272 8.22 -21.91 -33.65
CA ALA A 272 9.47 -22.36 -33.04
C ALA A 272 10.41 -21.20 -32.76
N ALA A 273 10.64 -20.34 -33.76
CA ALA A 273 11.53 -19.20 -33.57
C ALA A 273 10.98 -18.22 -32.56
N TYR A 274 9.67 -17.97 -32.59
CA TYR A 274 9.02 -17.08 -31.65
C TYR A 274 9.20 -17.56 -30.22
N THR A 275 8.97 -18.85 -29.98
CA THR A 275 9.11 -19.39 -28.64
C THR A 275 10.57 -19.40 -28.19
N ALA A 276 11.50 -19.73 -29.09
CA ALA A 276 12.91 -19.72 -28.72
C ALA A 276 13.38 -18.33 -28.32
N PHE A 277 13.05 -17.33 -29.15
CA PHE A 277 13.41 -15.95 -28.83
C PHE A 277 12.75 -15.49 -27.54
N THR A 278 11.48 -15.83 -27.35
CA THR A 278 10.75 -15.37 -26.18
C THR A 278 11.33 -15.96 -24.90
N ILE A 279 11.64 -17.26 -24.89
CA ILE A 279 12.18 -17.86 -23.68
C ILE A 279 13.59 -17.39 -23.41
N THR A 280 14.41 -17.16 -24.46
CA THR A 280 15.76 -16.65 -24.23
C THR A 280 15.71 -15.24 -23.62
N THR A 281 14.94 -14.34 -24.23
CA THR A 281 14.89 -12.98 -23.73
C THR A 281 14.13 -12.86 -22.42
N THR A 282 13.22 -13.79 -22.12
CA THR A 282 12.56 -13.80 -20.81
C THR A 282 13.50 -14.26 -19.71
N ALA A 283 14.33 -15.28 -20.00
CA ALA A 283 15.38 -15.66 -19.08
C ALA A 283 16.40 -14.55 -18.87
N TRP A 284 16.54 -13.64 -19.83
CA TRP A 284 17.40 -12.48 -19.63
C TRP A 284 16.66 -11.31 -18.99
N ARG A 285 15.34 -11.28 -19.07
CA ARG A 285 14.53 -10.18 -18.55
C ARG A 285 14.12 -10.37 -17.10
N THR A 286 14.32 -11.57 -16.55
CA THR A 286 13.85 -11.83 -15.20
C THR A 286 14.64 -11.07 -14.12
N LYS A 287 15.93 -10.86 -14.32
CA LYS A 287 16.75 -10.16 -13.33
C LYS A 287 16.28 -8.73 -13.14
N PHE A 288 16.04 -8.03 -14.24
CA PHE A 288 15.66 -6.62 -14.17
C PHE A 288 14.32 -6.46 -13.48
N ARG A 289 13.38 -7.35 -13.76
CA ARG A 289 12.04 -7.26 -13.23
C ARG A 289 11.97 -7.64 -11.77
N ARG A 290 12.79 -8.59 -11.31
CA ARG A 290 12.86 -8.84 -9.88
C ARG A 290 13.60 -7.75 -9.12
N GLN A 291 14.61 -7.13 -9.73
CA GLN A 291 15.28 -6.00 -9.11
C GLN A 291 14.35 -4.80 -8.97
N ALA A 292 13.51 -4.56 -9.99
CA ALA A 292 12.55 -3.46 -9.91
C ALA A 292 11.54 -3.69 -8.80
N ASN A 293 11.06 -4.93 -8.65
CA ASN A 293 10.12 -5.24 -7.58
C ASN A 293 10.77 -5.08 -6.21
N ALA A 294 12.02 -5.54 -6.06
CA ALA A 294 12.71 -5.39 -4.79
C ALA A 294 12.93 -3.92 -4.44
N ALA A 295 13.33 -3.11 -5.42
CA ALA A 295 13.55 -1.69 -5.14
C ALA A 295 12.23 -0.97 -4.86
N ASP A 296 11.16 -1.37 -5.53
CA ASP A 296 9.84 -0.80 -5.26
C ASP A 296 9.41 -1.12 -3.83
N ASN A 297 9.62 -2.35 -3.39
CA ASN A 297 9.29 -2.73 -2.02
C ASN A 297 10.14 -1.95 -1.02
N ALA A 298 11.43 -1.76 -1.32
CA ALA A 298 12.30 -1.00 -0.42
C ALA A 298 11.84 0.45 -0.30
N ALA A 299 11.50 1.07 -1.42
CA ALA A 299 11.01 2.46 -1.38
C ALA A 299 9.70 2.55 -0.61
N SER A 300 8.79 1.60 -0.82
CA SER A 300 7.53 1.62 -0.10
C SER A 300 7.73 1.46 1.39
N THR A 301 8.63 0.57 1.81
CA THR A 301 8.88 0.41 3.24
C THR A 301 9.52 1.64 3.84
N VAL A 302 10.41 2.30 3.09
CA VAL A 302 11.01 3.55 3.58
C VAL A 302 9.92 4.60 3.79
N ALA A 303 9.02 4.74 2.82
CA ALA A 303 7.95 5.73 2.93
C ALA A 303 7.03 5.43 4.11
N VAL A 304 6.63 4.16 4.26
CA VAL A 304 5.70 3.80 5.33
C VAL A 304 6.35 3.99 6.69
N ASP A 305 7.61 3.55 6.85
CA ASP A 305 8.28 3.70 8.13
C ASP A 305 8.52 5.17 8.46
N SER A 306 8.73 6.02 7.44
CA SER A 306 8.89 7.44 7.72
C SER A 306 7.56 8.07 8.12
N LEU A 307 6.45 7.64 7.50
CA LEU A 307 5.16 8.25 7.80
C LEU A 307 4.59 7.77 9.13
N ILE A 308 4.91 6.55 9.55
CA ILE A 308 4.50 6.08 10.87
C ILE A 308 5.18 6.90 11.96
N ASN A 309 6.45 7.22 11.77
CA ASN A 309 7.26 7.97 12.72
C ASN A 309 7.34 9.44 12.36
N TYR A 310 6.24 10.03 11.91
CA TYR A 310 6.23 11.44 11.54
C TYR A 310 6.63 12.32 12.72
N GLU A 311 6.12 12.02 13.92
CA GLU A 311 6.51 12.77 15.09
C GLU A 311 7.99 12.62 15.37
N ALA A 312 8.55 11.43 15.11
CA ALA A 312 9.98 11.23 15.30
C ALA A 312 10.80 12.01 14.28
N VAL A 313 10.33 12.10 13.03
CA VAL A 313 11.14 12.81 12.04
C VAL A 313 11.05 14.32 12.26
N LYS A 314 9.91 14.80 12.79
CA LYS A 314 9.80 16.23 13.06
C LYS A 314 10.51 16.61 14.35
N TYR A 315 10.54 15.71 15.33
CA TYR A 315 11.19 16.03 16.60
C TYR A 315 12.69 16.12 16.47
N PHE A 316 13.27 15.34 15.55
CA PHE A 316 14.73 15.31 15.37
C PHE A 316 15.15 15.86 14.02
N ASN A 317 14.23 16.52 13.32
CA ASN A 317 14.53 17.35 12.15
C ASN A 317 15.20 16.54 11.04
N ASN A 318 14.75 15.30 10.87
CA ASN A 318 15.33 14.40 9.89
C ASN A 318 14.43 14.27 8.67
N GLU A 319 13.73 15.33 8.31
CA GLU A 319 12.90 15.30 7.11
C GLU A 319 13.76 15.15 5.86
N ALA A 320 14.85 15.90 5.78
CA ALA A 320 15.74 15.80 4.63
C ALA A 320 16.40 14.43 4.56
N TYR A 321 16.70 13.84 5.72
CA TYR A 321 17.30 12.51 5.75
C TYR A 321 16.33 11.45 5.20
N GLU A 322 15.06 11.52 5.60
CA GLU A 322 14.07 10.58 5.09
C GLU A 322 13.81 10.82 3.61
N ILE A 323 13.80 12.08 3.19
CA ILE A 323 13.61 12.39 1.77
C ILE A 323 14.76 11.83 0.95
N ALA A 324 15.99 11.96 1.44
CA ALA A 324 17.15 11.42 0.74
C ALA A 324 17.10 9.89 0.68
N ARG A 325 16.67 9.25 1.77
CA ARG A 325 16.56 7.79 1.77
C ARG A 325 15.53 7.32 0.76
N TYR A 326 14.36 7.98 0.75
CA TYR A 326 13.33 7.64 -0.22
C TYR A 326 13.79 7.91 -1.64
N ASP A 327 14.54 8.99 -1.84
CA ASP A 327 15.05 9.34 -3.16
C ASP A 327 16.05 8.30 -3.66
N LYS A 328 16.93 7.80 -2.78
CA LYS A 328 17.88 6.78 -3.19
C LYS A 328 17.19 5.47 -3.55
N ALA A 329 16.19 5.08 -2.75
CA ALA A 329 15.43 3.89 -3.08
C ALA A 329 14.71 4.05 -4.42
N LEU A 330 14.16 5.24 -4.67
CA LEU A 330 13.50 5.50 -5.94
C LEU A 330 14.50 5.57 -7.09
N GLN A 331 15.75 5.98 -6.84
CA GLN A 331 16.78 5.92 -7.87
C GLN A 331 17.01 4.49 -8.30
N ALA A 332 17.13 3.57 -7.33
CA ALA A 332 17.28 2.16 -7.68
C ALA A 332 16.06 1.66 -8.45
N TYR A 333 14.87 2.06 -8.01
CA TYR A 333 13.65 1.62 -8.70
C TYR A 333 13.59 2.13 -10.13
N GLU A 334 13.95 3.40 -10.37
CA GLU A 334 13.85 3.90 -11.74
C GLU A 334 14.92 3.30 -12.63
N ARG A 335 16.11 3.02 -12.09
CA ARG A 335 17.13 2.36 -12.89
C ARG A 335 16.67 0.99 -13.33
N SER A 336 16.10 0.22 -12.39
CA SER A 336 15.64 -1.11 -12.74
C SER A 336 14.42 -1.07 -13.67
N SER A 337 13.54 -0.09 -13.50
CA SER A 337 12.38 0.01 -14.37
C SER A 337 12.75 0.43 -15.78
N ILE A 338 13.76 1.30 -15.90
CA ILE A 338 14.28 1.67 -17.22
C ILE A 338 14.87 0.45 -17.91
N LYS A 339 15.64 -0.37 -17.16
CA LYS A 339 16.15 -1.60 -17.76
C LYS A 339 15.03 -2.56 -18.16
N VAL A 340 13.97 -2.64 -17.34
CA VAL A 340 12.84 -3.51 -17.67
C VAL A 340 12.18 -3.06 -18.97
N ALA A 341 11.91 -1.77 -19.10
CA ALA A 341 11.22 -1.28 -20.30
C ALA A 341 12.12 -1.38 -21.53
N THR A 342 13.41 -1.08 -21.38
CA THR A 342 14.36 -1.19 -22.47
C THR A 342 14.53 -2.62 -22.95
N SER A 343 14.39 -3.59 -22.07
CA SER A 343 14.47 -4.99 -22.47
C SER A 343 13.14 -5.57 -22.93
N LEU A 344 12.02 -4.95 -22.58
CA LEU A 344 10.73 -5.31 -23.16
C LEU A 344 10.57 -4.78 -24.58
N ALA A 345 11.15 -3.62 -24.88
CA ALA A 345 11.15 -3.09 -26.23
C ALA A 345 12.14 -3.80 -27.13
N PHE A 346 12.93 -4.72 -26.58
CA PHE A 346 13.71 -5.66 -27.38
C PHE A 346 12.97 -6.96 -27.61
N LEU A 347 12.27 -7.48 -26.61
CA LEU A 347 11.36 -8.61 -26.77
C LEU A 347 10.32 -8.34 -27.84
N ASN A 348 9.60 -7.22 -27.73
CA ASN A 348 8.54 -6.93 -28.67
C ASN A 348 9.10 -6.70 -30.07
N SER A 349 10.22 -5.98 -30.16
CA SER A 349 10.85 -5.73 -31.44
C SER A 349 11.25 -7.03 -32.14
N GLY A 350 11.97 -7.90 -31.43
CA GLY A 350 12.42 -9.14 -32.05
C GLY A 350 11.30 -10.10 -32.40
N GLN A 351 10.31 -10.22 -31.53
CA GLN A 351 9.22 -11.13 -31.85
C GLN A 351 8.36 -10.59 -32.98
N ASN A 352 8.30 -9.27 -33.14
CA ASN A 352 7.63 -8.73 -34.33
C ASN A 352 8.50 -8.84 -35.57
N ILE A 353 9.83 -8.84 -35.43
CA ILE A 353 10.70 -9.21 -36.56
C ILE A 353 10.32 -10.60 -37.05
N ILE A 354 10.20 -11.55 -36.12
CA ILE A 354 9.91 -12.93 -36.48
C ILE A 354 8.54 -13.03 -37.14
N PHE A 355 7.54 -12.39 -36.55
CA PHE A 355 6.18 -12.48 -37.08
C PHE A 355 6.06 -11.81 -38.45
N SER A 356 6.70 -10.64 -38.63
CA SER A 356 6.57 -9.95 -39.90
C SER A 356 7.40 -10.61 -40.99
N SER A 357 8.52 -11.24 -40.63
CA SER A 357 9.24 -12.06 -41.60
C SER A 357 8.39 -13.25 -42.03
N ALA A 358 7.66 -13.85 -41.08
CA ALA A 358 6.72 -14.90 -41.43
C ALA A 358 5.65 -14.40 -42.39
N LEU A 359 5.09 -13.23 -42.10
CA LEU A 359 4.05 -12.67 -42.97
C LEU A 359 4.57 -12.39 -44.37
N THR A 360 5.79 -11.86 -44.47
CA THR A 360 6.40 -11.61 -45.77
C THR A 360 6.63 -12.92 -46.53
N LEU A 361 7.11 -13.95 -45.85
CA LEU A 361 7.37 -15.22 -46.53
C LEU A 361 6.06 -15.88 -46.98
N MET A 362 5.02 -15.79 -46.16
CA MET A 362 3.74 -16.37 -46.53
C MET A 362 3.10 -15.60 -47.68
N MET A 363 3.29 -14.28 -47.72
CA MET A 363 2.76 -13.52 -48.83
C MET A 363 3.57 -13.77 -50.10
N TRP A 364 4.86 -14.07 -49.95
CA TRP A 364 5.65 -14.51 -51.10
C TRP A 364 5.15 -15.83 -51.65
N LEU A 365 4.83 -16.78 -50.76
CA LEU A 365 4.26 -18.05 -51.22
C LEU A 365 2.91 -17.84 -51.88
N GLY A 366 2.10 -16.94 -51.34
CA GLY A 366 0.83 -16.62 -51.95
C GLY A 366 0.97 -15.95 -53.31
N ALA A 367 1.97 -15.08 -53.46
CA ALA A 367 2.24 -14.47 -54.74
C ALA A 367 2.70 -15.49 -55.77
N ARG A 368 3.54 -16.43 -55.34
CA ARG A 368 3.97 -17.50 -56.24
C ARG A 368 2.77 -18.36 -56.65
N GLY A 369 1.86 -18.62 -55.72
CA GLY A 369 0.66 -19.35 -56.07
C GLY A 369 -0.25 -18.59 -57.01
N VAL A 370 -0.35 -17.27 -56.84
CA VAL A 370 -1.18 -16.45 -57.71
C VAL A 370 -0.63 -16.43 -59.12
N LEU A 371 0.69 -16.27 -59.26
CA LEU A 371 1.30 -16.22 -60.57
C LEU A 371 1.24 -17.56 -61.28
N ALA A 372 1.22 -18.66 -60.53
CA ALA A 372 1.10 -19.98 -61.12
C ALA A 372 -0.34 -20.37 -61.43
N GLY A 373 -1.31 -19.52 -61.11
CA GLY A 373 -2.70 -19.78 -61.39
C GLY A 373 -3.41 -20.59 -60.33
N ASP A 374 -2.70 -21.10 -59.32
CA ASP A 374 -3.35 -21.89 -58.29
C ASP A 374 -4.22 -21.02 -57.38
N LEU A 375 -3.77 -19.79 -57.10
CA LEU A 375 -4.46 -18.90 -56.18
C LEU A 375 -5.01 -17.70 -56.92
N SER A 376 -5.94 -17.01 -56.27
CA SER A 376 -6.48 -15.76 -56.78
C SER A 376 -6.03 -14.60 -55.90
N VAL A 377 -6.39 -13.39 -56.30
CA VAL A 377 -6.09 -12.20 -55.52
C VAL A 377 -6.77 -12.25 -54.17
N GLY A 378 -8.03 -12.69 -54.16
CA GLY A 378 -8.74 -12.84 -52.90
C GLY A 378 -8.09 -13.83 -51.95
N ASP A 379 -7.47 -14.88 -52.48
CA ASP A 379 -6.77 -15.81 -51.60
C ASP A 379 -5.56 -15.16 -50.96
N LEU A 380 -4.86 -14.31 -51.71
CA LEU A 380 -3.73 -13.58 -51.14
C LEU A 380 -4.17 -12.62 -50.05
N VAL A 381 -5.26 -11.89 -50.28
CA VAL A 381 -5.74 -10.99 -49.23
C VAL A 381 -6.30 -11.79 -48.06
N LEU A 382 -6.80 -13.00 -48.30
CA LEU A 382 -7.23 -13.87 -47.22
C LEU A 382 -6.06 -14.27 -46.34
N ILE A 383 -4.94 -14.67 -46.95
CA ILE A 383 -3.74 -15.02 -46.19
C ILE A 383 -3.27 -13.83 -45.36
N ASN A 384 -3.15 -12.66 -46.00
CA ASN A 384 -2.66 -11.50 -45.29
C ASN A 384 -3.59 -11.08 -44.16
N GLN A 385 -4.90 -11.12 -44.41
CA GLN A 385 -5.86 -10.70 -43.39
C GLN A 385 -5.88 -11.66 -42.21
N LEU A 386 -5.79 -12.97 -42.47
CA LEU A 386 -5.73 -13.93 -41.38
C LEU A 386 -4.51 -13.72 -40.51
N VAL A 387 -3.34 -13.56 -41.14
CA VAL A 387 -2.12 -13.39 -40.35
C VAL A 387 -2.12 -12.03 -39.63
N PHE A 388 -2.71 -10.99 -40.23
CA PHE A 388 -2.75 -9.69 -39.58
C PHE A 388 -3.69 -9.70 -38.37
N GLN A 389 -4.85 -10.34 -38.52
CA GLN A 389 -5.76 -10.47 -37.38
C GLN A 389 -5.17 -11.40 -36.32
N LEU A 390 -4.20 -12.23 -36.70
CA LEU A 390 -3.40 -12.93 -35.70
C LEU A 390 -2.40 -11.98 -35.04
N SER A 391 -1.89 -11.00 -35.78
CA SER A 391 -0.90 -10.07 -35.24
C SER A 391 -1.50 -9.19 -34.15
N VAL A 392 -2.77 -8.81 -34.31
CA VAL A 392 -3.39 -7.88 -33.34
C VAL A 392 -3.35 -8.39 -31.90
N PRO A 393 -3.80 -9.61 -31.58
CA PRO A 393 -3.61 -10.07 -30.19
C PRO A 393 -2.16 -10.24 -29.82
N LEU A 394 -1.28 -10.60 -30.77
CA LEU A 394 0.10 -10.86 -30.42
C LEU A 394 0.82 -9.59 -29.96
N ASN A 395 0.63 -8.48 -30.64
CA ASN A 395 1.25 -7.27 -30.11
C ASN A 395 0.44 -6.68 -28.95
N PHE A 396 -0.82 -7.09 -28.76
CA PHE A 396 -1.45 -6.76 -27.48
C PHE A 396 -0.74 -7.44 -26.31
N LEU A 397 -0.49 -8.75 -26.42
CA LEU A 397 0.29 -9.44 -25.38
C LEU A 397 1.70 -8.86 -25.26
N GLY A 398 2.32 -8.49 -26.38
CA GLY A 398 3.64 -7.88 -26.30
C GLY A 398 3.63 -6.53 -25.61
N SER A 399 2.53 -5.79 -25.72
CA SER A 399 2.48 -4.46 -25.11
C SER A 399 2.31 -4.52 -23.60
N VAL A 400 1.57 -5.52 -23.10
CA VAL A 400 1.25 -5.59 -21.67
C VAL A 400 2.00 -6.72 -20.98
N TYR A 401 3.04 -7.28 -21.62
CA TYR A 401 3.79 -8.39 -21.04
C TYR A 401 4.43 -8.01 -19.70
N ARG A 402 4.80 -6.73 -19.55
CA ARG A 402 5.32 -6.22 -18.29
C ARG A 402 4.35 -6.47 -17.14
N GLU A 403 3.09 -6.06 -17.31
CA GLU A 403 2.11 -6.22 -16.25
C GLU A 403 1.80 -7.70 -15.99
N LEU A 404 1.76 -8.51 -17.04
CA LEU A 404 1.47 -9.94 -16.86
C LEU A 404 2.54 -10.60 -16.01
N ARG A 405 3.80 -10.47 -16.40
CA ARG A 405 4.85 -11.17 -15.69
C ARG A 405 5.14 -10.53 -14.33
N GLN A 406 4.82 -9.23 -14.18
CA GLN A 406 4.81 -8.61 -12.87
C GLN A 406 3.79 -9.29 -11.95
N SER A 407 2.60 -9.56 -12.49
CA SER A 407 1.61 -10.32 -11.75
C SER A 407 2.10 -11.72 -11.43
N LEU A 408 2.92 -12.32 -12.29
CA LEU A 408 3.46 -13.63 -11.95
C LEU A 408 4.39 -13.58 -10.73
N LEU A 409 5.30 -12.60 -10.66
CA LEU A 409 6.15 -12.63 -9.47
C LEU A 409 5.36 -12.19 -8.23
N ASP A 410 4.32 -11.39 -8.43
CA ASP A 410 3.36 -11.15 -7.34
C ASP A 410 2.68 -12.46 -6.91
N MET A 411 2.42 -13.36 -7.87
CA MET A 411 1.89 -14.68 -7.54
C MET A 411 2.78 -15.41 -6.57
N GLU A 412 4.07 -15.55 -6.88
CA GLU A 412 4.85 -16.34 -5.92
C GLU A 412 5.05 -15.59 -4.60
N THR A 413 5.10 -14.25 -4.59
CA THR A 413 5.27 -13.61 -3.28
C THR A 413 4.03 -13.76 -2.40
N LEU A 414 2.83 -13.62 -2.98
CA LEU A 414 1.62 -13.76 -2.17
C LEU A 414 1.39 -15.21 -1.77
N PHE A 415 1.67 -16.15 -2.68
CA PHE A 415 1.45 -17.56 -2.35
C PHE A 415 2.49 -18.06 -1.35
N ASP A 416 3.72 -17.55 -1.41
CA ASP A 416 4.69 -17.86 -0.37
C ASP A 416 4.31 -17.23 0.96
N LEU A 417 3.63 -16.08 0.93
CA LEU A 417 3.04 -15.56 2.16
C LEU A 417 1.98 -16.50 2.70
N GLN A 418 1.20 -17.14 1.82
CA GLN A 418 0.22 -18.10 2.29
C GLN A 418 0.84 -19.43 2.73
N LYS A 419 2.03 -19.76 2.24
CA LYS A 419 2.63 -21.06 2.57
C LYS A 419 3.45 -21.04 3.86
N VAL A 420 3.66 -19.88 4.48
CA VAL A 420 4.44 -19.85 5.72
C VAL A 420 3.64 -20.53 6.83
N ASN A 421 4.31 -21.37 7.60
CA ASN A 421 3.65 -22.13 8.63
C ASN A 421 3.50 -21.32 9.91
N VAL A 422 2.72 -21.86 10.84
CA VAL A 422 2.64 -21.32 12.19
C VAL A 422 3.38 -22.28 13.11
N THR A 423 4.23 -21.73 13.97
CA THR A 423 4.92 -22.56 14.95
C THR A 423 4.10 -22.73 16.22
N ILE A 424 3.08 -21.90 16.41
CA ILE A 424 2.18 -22.00 17.55
C ILE A 424 0.98 -22.80 17.05
N ARG A 425 1.02 -24.11 17.24
CA ARG A 425 -0.01 -25.00 16.70
C ARG A 425 -0.66 -25.77 17.84
N GLU A 426 -1.97 -25.99 17.71
CA GLU A 426 -2.68 -26.79 18.69
C GLU A 426 -2.30 -28.25 18.53
N ALA A 427 -2.18 -28.93 19.66
CA ALA A 427 -2.02 -30.38 19.65
C ALA A 427 -3.30 -31.00 19.09
N PRO A 428 -3.21 -32.10 18.35
CA PRO A 428 -4.43 -32.75 17.87
C PRO A 428 -5.17 -33.48 18.97
N ASN A 429 -6.51 -33.51 18.82
CA ASN A 429 -7.43 -33.94 19.87
C ASN A 429 -7.19 -33.13 21.14
N ALA A 430 -7.43 -31.83 21.04
CA ALA A 430 -7.21 -30.88 22.13
C ALA A 430 -8.55 -30.49 22.73
N LYS A 431 -8.65 -30.60 24.01
CA LYS A 431 -9.85 -30.23 24.74
C LYS A 431 -9.78 -28.77 25.19
N PRO A 432 -10.92 -28.10 25.32
CA PRO A 432 -10.90 -26.69 25.73
C PRO A 432 -10.41 -26.53 27.17
N LEU A 433 -9.90 -25.35 27.46
CA LEU A 433 -9.36 -25.07 28.78
C LEU A 433 -10.47 -25.05 29.82
N ALA A 434 -10.28 -25.81 30.91
CA ALA A 434 -11.21 -25.87 32.00
C ALA A 434 -10.57 -25.25 33.24
N LEU A 435 -11.42 -24.68 34.09
CA LEU A 435 -10.98 -24.00 35.32
C LEU A 435 -11.71 -24.64 36.49
N PRO A 436 -11.27 -25.82 36.94
CA PRO A 436 -11.97 -26.49 38.05
C PRO A 436 -11.95 -25.69 39.34
N LYS A 437 -10.76 -25.33 39.81
CA LYS A 437 -10.59 -24.31 40.81
C LYS A 437 -10.31 -22.99 40.09
N GLY A 438 -9.89 -21.97 40.83
CA GLY A 438 -9.54 -20.70 40.23
C GLY A 438 -8.36 -20.79 39.28
N GLY A 439 -7.98 -19.68 38.67
CA GLY A 439 -6.95 -19.72 37.66
C GLY A 439 -5.55 -19.94 38.17
N GLU A 440 -5.29 -21.13 38.73
CA GLU A 440 -3.98 -21.50 39.22
C GLU A 440 -2.99 -21.61 38.07
N ILE A 441 -2.00 -20.72 38.04
CA ILE A 441 -0.98 -20.70 37.00
C ILE A 441 0.34 -21.16 37.61
N ARG A 442 0.98 -22.12 36.94
CA ARG A 442 2.24 -22.68 37.44
C ARG A 442 3.22 -22.83 36.30
N PHE A 443 4.35 -22.16 36.40
CA PHE A 443 5.47 -22.35 35.48
C PHE A 443 6.39 -23.43 36.02
N GLU A 444 6.79 -24.36 35.18
CA GLU A 444 7.63 -25.48 35.58
C GLU A 444 8.85 -25.54 34.67
N ASN A 445 10.02 -25.21 35.24
CA ASN A 445 11.32 -25.32 34.57
C ASN A 445 11.34 -24.63 33.21
N VAL A 446 10.69 -23.48 33.11
CA VAL A 446 10.54 -22.81 31.82
C VAL A 446 11.85 -22.14 31.44
N THR A 447 12.33 -22.47 30.25
CA THR A 447 13.52 -21.84 29.67
C THR A 447 13.14 -21.26 28.32
N PHE A 448 13.30 -19.95 28.17
CA PHE A 448 12.86 -19.28 26.95
C PHE A 448 13.83 -18.19 26.55
N GLY A 449 14.02 -18.05 25.25
CA GLY A 449 14.75 -16.94 24.67
C GLY A 449 14.28 -16.73 23.24
N TYR A 450 14.02 -15.47 22.87
CA TYR A 450 13.59 -15.19 21.52
C TYR A 450 14.69 -15.53 20.51
N TYR A 451 15.93 -15.36 20.92
CA TYR A 451 17.10 -15.82 20.18
C TYR A 451 17.66 -17.05 20.87
N PRO A 452 18.04 -18.08 20.12
CA PRO A 452 18.46 -19.34 20.77
C PRO A 452 19.71 -19.22 21.63
N ASP A 453 20.54 -18.21 21.41
CA ASP A 453 21.78 -18.05 22.16
C ASP A 453 21.63 -17.19 23.39
N ARG A 454 20.47 -16.58 23.62
CA ARG A 454 20.22 -15.76 24.80
C ARG A 454 18.98 -16.27 25.52
N PRO A 455 19.14 -17.09 26.56
CA PRO A 455 17.98 -17.45 27.38
C PRO A 455 17.59 -16.26 28.26
N ILE A 456 16.28 -16.03 28.35
CA ILE A 456 15.78 -14.92 29.15
C ILE A 456 15.18 -15.46 30.43
N LEU A 457 14.14 -16.28 30.32
CA LEU A 457 13.70 -17.08 31.44
C LEU A 457 14.59 -18.30 31.52
N ARG A 458 15.24 -18.52 32.66
CA ARG A 458 16.23 -19.56 32.81
C ARG A 458 15.87 -20.43 34.01
N ASN A 459 15.38 -21.64 33.73
CA ASN A 459 14.93 -22.58 34.76
C ASN A 459 13.87 -21.94 35.66
N LEU A 460 12.97 -21.19 35.04
CA LEU A 460 11.96 -20.45 35.79
C LEU A 460 10.94 -21.40 36.39
N SER A 461 10.54 -21.13 37.63
CA SER A 461 9.53 -21.94 38.31
C SER A 461 8.79 -21.03 39.29
N LEU A 462 7.61 -20.56 38.90
CA LEU A 462 6.79 -19.74 39.76
C LEU A 462 5.37 -20.28 39.74
N THR A 463 4.65 -20.04 40.83
CA THR A 463 3.31 -20.59 41.04
C THR A 463 2.38 -19.45 41.41
N ILE A 464 1.57 -19.00 40.46
CA ILE A 464 0.59 -17.94 40.71
C ILE A 464 -0.64 -18.58 41.35
N PRO A 465 -1.00 -18.19 42.57
CA PRO A 465 -2.16 -18.81 43.22
C PRO A 465 -3.45 -18.45 42.53
N ALA A 466 -4.49 -19.23 42.86
CA ALA A 466 -5.77 -19.14 42.18
C ALA A 466 -6.65 -18.09 42.85
N GLY A 467 -7.18 -17.16 42.03
CA GLY A 467 -8.11 -16.18 42.53
C GLY A 467 -7.50 -15.06 43.34
N LYS A 468 -6.19 -14.94 43.39
CA LYS A 468 -5.52 -13.95 44.19
C LYS A 468 -4.84 -12.91 43.30
N LYS A 469 -4.73 -11.69 43.82
CA LYS A 469 -4.01 -10.64 43.12
C LYS A 469 -2.52 -10.84 43.30
N VAL A 470 -1.81 -11.08 42.21
CA VAL A 470 -0.39 -11.41 42.23
C VAL A 470 0.37 -10.34 41.47
N ALA A 471 1.45 -9.85 42.05
CA ALA A 471 2.26 -8.81 41.46
C ALA A 471 3.62 -9.37 41.07
N VAL A 472 4.05 -9.08 39.85
CA VAL A 472 5.38 -9.45 39.37
C VAL A 472 6.16 -8.16 39.19
N VAL A 473 7.28 -8.04 39.89
CA VAL A 473 8.12 -6.86 39.85
C VAL A 473 9.52 -7.28 39.40
N GLY A 474 10.35 -6.29 39.13
CA GLY A 474 11.72 -6.54 38.76
C GLY A 474 12.33 -5.40 37.99
N PRO A 475 13.61 -5.53 37.66
CA PRO A 475 14.27 -4.49 36.86
C PRO A 475 13.74 -4.46 35.44
N SER A 476 14.06 -3.35 34.77
CA SER A 476 13.65 -3.20 33.37
C SER A 476 14.37 -4.20 32.49
N GLY A 477 13.64 -4.80 31.57
CA GLY A 477 14.21 -5.79 30.68
C GLY A 477 14.45 -7.15 31.30
N CYS A 478 13.95 -7.40 32.50
CA CYS A 478 14.23 -8.64 33.20
C CYS A 478 13.45 -9.82 32.63
N GLY A 479 12.43 -9.57 31.83
CA GLY A 479 11.64 -10.65 31.27
C GLY A 479 10.39 -10.94 32.05
N LYS A 480 9.68 -9.90 32.48
CA LYS A 480 8.44 -10.08 33.21
C LYS A 480 7.21 -9.78 32.38
N SER A 481 7.35 -9.04 31.29
CA SER A 481 6.29 -8.95 30.30
C SER A 481 6.43 -10.02 29.23
N THR A 482 7.50 -10.80 29.26
CA THR A 482 7.59 -11.98 28.41
C THR A 482 6.87 -13.17 29.03
N LEU A 483 6.52 -13.09 30.31
CA LEU A 483 5.58 -14.06 30.87
C LEU A 483 4.20 -13.89 30.26
N LEU A 484 3.75 -12.64 30.15
CA LEU A 484 2.39 -12.36 29.74
C LEU A 484 2.13 -12.67 28.27
N ARG A 485 3.19 -12.83 27.48
CA ARG A 485 3.02 -13.23 26.09
C ARG A 485 3.40 -14.68 25.85
N LEU A 486 4.10 -15.30 26.78
CA LEU A 486 4.37 -16.72 26.71
C LEU A 486 3.36 -17.55 27.49
N LEU A 487 2.63 -16.92 28.41
CA LEU A 487 1.49 -17.59 29.03
C LEU A 487 0.29 -17.55 28.08
N PHE A 488 0.16 -16.48 27.30
CA PHE A 488 -0.83 -16.35 26.24
C PHE A 488 -0.54 -17.25 25.07
N ARG A 489 0.63 -17.92 25.07
CA ARG A 489 1.06 -18.81 24.01
C ARG A 489 1.17 -18.06 22.68
N SER A 490 1.77 -16.87 22.74
CA SER A 490 2.32 -16.25 21.55
C SER A 490 3.70 -16.79 21.23
N TYR A 491 4.36 -17.40 22.21
CA TYR A 491 5.64 -18.06 22.05
C TYR A 491 5.61 -19.37 22.82
N ASP A 492 6.39 -20.35 22.37
CA ASP A 492 6.46 -21.54 23.19
C ASP A 492 7.78 -21.58 23.93
N PRO A 493 7.81 -22.11 25.15
CA PRO A 493 9.09 -22.34 25.82
C PRO A 493 9.88 -23.43 25.11
N GLN A 494 11.20 -23.30 25.14
CA GLN A 494 12.06 -24.35 24.59
C GLN A 494 12.10 -25.54 25.52
N GLN A 495 12.18 -25.29 26.83
CA GLN A 495 12.12 -26.33 27.84
C GLN A 495 11.06 -25.97 28.86
N GLY A 496 10.51 -26.99 29.50
CA GLY A 496 9.54 -26.77 30.56
C GLY A 496 8.12 -26.64 30.06
N LYS A 497 7.19 -26.58 31.02
CA LYS A 497 5.77 -26.59 30.73
C LYS A 497 5.07 -25.53 31.57
N ILE A 498 3.93 -25.06 31.07
CA ILE A 498 3.09 -24.08 31.74
C ILE A 498 1.74 -24.74 32.01
N PHE A 499 1.26 -24.62 33.24
CA PHE A 499 0.02 -25.26 33.65
C PHE A 499 -0.97 -24.22 34.15
N ILE A 500 -2.18 -24.25 33.61
CA ILE A 500 -3.31 -23.51 34.15
C ILE A 500 -4.27 -24.56 34.69
N ASP A 501 -4.34 -24.68 36.02
CA ASP A 501 -5.10 -25.73 36.70
C ASP A 501 -4.67 -27.13 36.23
N ASP A 502 -3.36 -27.37 36.31
CA ASP A 502 -2.74 -28.65 36.00
C ASP A 502 -3.02 -29.09 34.56
N GLN A 503 -3.25 -28.12 33.68
CA GLN A 503 -3.47 -28.38 32.26
C GLN A 503 -2.35 -27.70 31.49
N ASP A 504 -1.52 -28.50 30.82
CA ASP A 504 -0.48 -27.96 29.97
C ASP A 504 -1.13 -27.16 28.85
N ILE A 505 -0.76 -25.88 28.75
CA ILE A 505 -1.38 -25.00 27.75
C ILE A 505 -0.95 -25.34 26.33
N LYS A 506 0.03 -26.22 26.16
CA LYS A 506 0.32 -26.74 24.83
C LYS A 506 -0.72 -27.76 24.38
N SER A 507 -1.31 -28.48 25.32
CA SER A 507 -2.32 -29.49 25.03
C SER A 507 -3.75 -28.95 25.16
N VAL A 508 -3.92 -27.66 24.89
CA VAL A 508 -5.19 -26.97 25.06
C VAL A 508 -5.43 -26.12 23.83
N THR A 509 -6.68 -26.07 23.36
CA THR A 509 -7.03 -25.26 22.20
C THR A 509 -6.65 -23.80 22.42
N LEU A 510 -6.10 -23.19 21.37
CA LEU A 510 -5.69 -21.79 21.45
C LEU A 510 -6.88 -20.87 21.67
N GLU A 511 -8.03 -21.21 21.07
CA GLU A 511 -9.21 -20.38 21.18
C GLU A 511 -9.71 -20.28 22.62
N SER A 512 -9.80 -21.42 23.31
CA SER A 512 -10.29 -21.42 24.68
C SER A 512 -9.27 -20.78 25.63
N LEU A 513 -7.98 -20.98 25.37
CA LEU A 513 -6.96 -20.37 26.21
C LEU A 513 -6.97 -18.86 26.07
N ARG A 514 -7.06 -18.36 24.85
CA ARG A 514 -7.00 -16.92 24.62
C ARG A 514 -8.30 -16.22 24.95
N LYS A 515 -9.43 -16.93 25.00
CA LYS A 515 -10.64 -16.31 25.55
C LYS A 515 -10.64 -16.32 27.07
N SER A 516 -9.88 -17.20 27.68
CA SER A 516 -9.79 -17.25 29.14
C SER A 516 -8.78 -16.26 29.70
N ILE A 517 -8.07 -15.53 28.86
CA ILE A 517 -7.02 -14.61 29.30
C ILE A 517 -7.30 -13.24 28.70
N GLY A 518 -7.41 -12.23 29.55
CA GLY A 518 -7.48 -10.87 29.08
C GLY A 518 -6.31 -10.07 29.60
N VAL A 519 -5.68 -9.30 28.73
CA VAL A 519 -4.44 -8.61 29.07
C VAL A 519 -4.52 -7.15 28.63
N VAL A 520 -4.06 -6.27 29.51
CA VAL A 520 -3.79 -4.87 29.17
C VAL A 520 -2.33 -4.80 28.73
N PRO A 521 -2.05 -4.53 27.46
CA PRO A 521 -0.66 -4.54 26.99
C PRO A 521 0.11 -3.34 27.53
N GLN A 522 1.44 -3.45 27.42
CA GLN A 522 2.30 -2.38 27.92
C GLN A 522 2.12 -1.10 27.11
N ASP A 523 2.20 -1.21 25.78
CA ASP A 523 1.73 -0.13 24.92
C ASP A 523 0.37 -0.48 24.35
N THR A 524 -0.50 0.52 24.26
CA THR A 524 -1.92 0.30 23.97
C THR A 524 -2.33 1.12 22.76
N PRO A 525 -1.94 0.71 21.56
CA PRO A 525 -2.47 1.37 20.37
C PRO A 525 -3.95 1.10 20.21
N LEU A 526 -4.66 2.09 19.68
CA LEU A 526 -6.08 1.98 19.45
C LEU A 526 -6.37 2.01 17.96
N PHE A 527 -7.51 1.46 17.59
CA PHE A 527 -7.96 1.53 16.21
C PHE A 527 -8.32 2.97 15.85
N ASN A 528 -8.16 3.31 14.57
CA ASN A 528 -8.42 4.67 14.11
C ASN A 528 -9.92 4.93 13.97
N ASP A 529 -10.61 4.79 15.10
CA ASP A 529 -12.06 4.92 15.18
C ASP A 529 -12.45 5.75 16.39
N THR A 530 -13.72 5.72 16.75
CA THR A 530 -14.22 6.51 17.87
C THR A 530 -13.82 5.86 19.19
N VAL A 531 -14.10 6.57 20.28
CA VAL A 531 -13.84 6.05 21.62
C VAL A 531 -14.72 4.85 21.90
N GLU A 532 -16.00 4.92 21.54
CA GLU A 532 -16.94 3.86 21.87
C GLU A 532 -16.60 2.56 21.15
N LEU A 533 -16.13 2.65 19.91
CA LEU A 533 -15.73 1.44 19.19
C LEU A 533 -14.51 0.81 19.83
N ASN A 534 -13.55 1.63 20.25
CA ASN A 534 -12.34 1.10 20.89
C ASN A 534 -12.68 0.47 22.23
N ILE A 535 -13.62 1.04 22.97
CA ILE A 535 -14.04 0.43 24.22
C ILE A 535 -14.78 -0.88 23.97
N ARG A 536 -15.69 -0.89 23.00
CA ARG A 536 -16.47 -2.08 22.73
C ARG A 536 -15.68 -3.15 21.97
N TYR A 537 -14.46 -2.85 21.56
CA TYR A 537 -13.62 -3.88 20.98
C TYR A 537 -13.30 -5.00 21.96
N GLY A 538 -13.45 -4.77 23.26
CA GLY A 538 -13.29 -5.84 24.22
C GLY A 538 -14.33 -6.92 24.08
N ASN A 539 -15.56 -6.53 23.73
CA ASN A 539 -16.64 -7.48 23.46
C ASN A 539 -17.54 -6.81 22.42
N VAL A 540 -17.34 -7.17 21.14
CA VAL A 540 -17.93 -6.41 20.05
C VAL A 540 -19.45 -6.50 20.06
N ASN A 541 -20.00 -7.57 20.62
CA ASN A 541 -21.45 -7.74 20.71
C ASN A 541 -22.02 -7.36 22.07
N ALA A 542 -21.43 -6.34 22.71
CA ALA A 542 -21.94 -5.82 23.96
C ALA A 542 -22.77 -4.56 23.71
N THR A 543 -23.75 -4.34 24.57
CA THR A 543 -24.64 -3.21 24.41
C THR A 543 -23.98 -1.93 24.93
N GLN A 544 -24.65 -0.81 24.69
CA GLN A 544 -24.11 0.49 25.08
C GLN A 544 -24.05 0.64 26.59
N GLU A 545 -24.98 0.01 27.32
CA GLU A 545 -24.95 0.07 28.77
C GLU A 545 -23.71 -0.61 29.33
N GLN A 546 -23.32 -1.74 28.75
CA GLN A 546 -22.10 -2.43 29.19
C GLN A 546 -20.86 -1.61 28.86
N VAL A 547 -20.86 -0.94 27.72
CA VAL A 547 -19.74 -0.06 27.36
C VAL A 547 -19.63 1.08 28.36
N ILE A 548 -20.76 1.69 28.73
CA ILE A 548 -20.74 2.76 29.71
C ILE A 548 -20.31 2.24 31.08
N ALA A 549 -20.73 1.01 31.43
CA ALA A 549 -20.32 0.43 32.70
C ALA A 549 -18.81 0.21 32.75
N ALA A 550 -18.24 -0.31 31.67
CA ALA A 550 -16.78 -0.48 31.60
C ALA A 550 -16.09 0.87 31.57
N ALA A 551 -16.77 1.91 31.10
CA ALA A 551 -16.21 3.25 31.15
C ALA A 551 -16.16 3.78 32.59
N GLN A 552 -17.21 3.54 33.38
CA GLN A 552 -17.11 3.88 34.81
C GLN A 552 -16.03 3.07 35.51
N LYS A 553 -15.95 1.76 35.23
CA LYS A 553 -15.02 0.93 35.98
C LYS A 553 -13.57 1.24 35.63
N ALA A 554 -13.33 1.80 34.44
CA ALA A 554 -12.00 2.23 34.06
C ALA A 554 -11.74 3.69 34.38
N HIS A 555 -12.71 4.38 34.99
CA HIS A 555 -12.57 5.76 35.47
C HIS A 555 -12.26 6.72 34.33
N ILE A 556 -13.04 6.63 33.26
CA ILE A 556 -12.80 7.40 32.06
C ILE A 556 -14.10 8.04 31.57
N HIS A 557 -15.23 7.62 32.14
CA HIS A 557 -16.54 7.98 31.58
C HIS A 557 -16.83 9.47 31.68
N GLU A 558 -16.55 10.07 32.84
CA GLU A 558 -16.89 11.47 33.03
C GLU A 558 -16.09 12.37 32.10
N LYS A 559 -14.84 12.00 31.84
CA LYS A 559 -14.05 12.73 30.85
C LYS A 559 -14.67 12.62 29.47
N ILE A 560 -15.15 11.43 29.11
CA ILE A 560 -15.75 11.23 27.78
C ILE A 560 -17.03 12.03 27.65
N ILE A 561 -17.81 12.14 28.73
CA ILE A 561 -18.99 12.99 28.72
C ILE A 561 -18.59 14.46 28.57
N SER A 562 -17.51 14.87 29.23
CA SER A 562 -17.08 16.26 29.16
C SER A 562 -16.59 16.67 27.78
N TRP A 563 -16.23 15.70 26.93
CA TRP A 563 -15.76 16.01 25.60
C TRP A 563 -16.92 16.45 24.72
N PRO A 564 -16.65 17.20 23.63
CA PRO A 564 -17.74 17.65 22.76
C PRO A 564 -18.42 16.51 22.00
N HIS A 565 -17.62 15.62 21.44
CA HIS A 565 -18.17 14.52 20.64
C HIS A 565 -18.59 13.33 21.50
N GLY A 566 -18.33 13.35 22.79
CA GLY A 566 -18.74 12.25 23.65
C GLY A 566 -18.01 10.98 23.33
N TYR A 567 -18.77 9.87 23.26
CA TYR A 567 -18.19 8.59 22.90
C TYR A 567 -17.84 8.48 21.43
N GLN A 568 -18.26 9.45 20.62
CA GLN A 568 -17.91 9.48 19.21
C GLN A 568 -16.65 10.28 18.95
N THR A 569 -15.92 10.66 19.99
CA THR A 569 -14.65 11.35 19.83
C THR A 569 -13.67 10.46 19.11
N ARG A 570 -13.11 10.94 18.00
CA ARG A 570 -12.12 10.16 17.27
C ARG A 570 -10.80 10.18 18.01
N VAL A 571 -10.20 8.98 18.14
CA VAL A 571 -8.92 8.85 18.84
C VAL A 571 -7.73 8.96 17.91
N GLY A 572 -7.94 8.99 16.60
CA GLY A 572 -6.86 9.19 15.67
C GLY A 572 -6.05 7.93 15.43
N GLU A 573 -4.96 8.12 14.69
CA GLU A 573 -4.10 7.00 14.31
C GLU A 573 -3.35 6.49 15.52
N ARG A 574 -3.56 5.21 15.84
CA ARG A 574 -2.92 4.53 16.98
C ARG A 574 -3.28 5.20 18.31
N GLY A 575 -4.47 5.78 18.39
CA GLY A 575 -4.92 6.43 19.62
C GLY A 575 -4.13 7.65 20.01
N LEU A 576 -3.66 8.41 19.03
CA LEU A 576 -2.80 9.55 19.31
C LEU A 576 -3.54 10.87 19.44
N MET A 577 -4.84 10.91 19.11
CA MET A 577 -5.62 12.12 19.28
C MET A 577 -6.31 12.19 20.63
N ILE A 578 -5.89 11.36 21.58
CA ILE A 578 -6.27 11.48 22.98
C ILE A 578 -5.01 11.32 23.80
N SER A 579 -5.11 11.68 25.08
CA SER A 579 -3.96 11.63 25.95
C SER A 579 -3.59 10.17 26.27
N GLY A 580 -2.35 9.98 26.70
CA GLY A 580 -1.87 8.63 26.97
C GLY A 580 -2.53 7.98 28.16
N GLY A 581 -2.85 8.77 29.19
CA GLY A 581 -3.56 8.24 30.32
C GLY A 581 -4.99 7.82 29.97
N GLU A 582 -5.67 8.64 29.18
CA GLU A 582 -7.01 8.28 28.72
C GLU A 582 -6.97 7.08 27.79
N LYS A 583 -5.95 6.98 26.95
CA LYS A 583 -5.79 5.81 26.10
C LYS A 583 -5.56 4.55 26.92
N GLN A 584 -4.73 4.64 27.97
CA GLN A 584 -4.49 3.50 28.83
C GLN A 584 -5.75 3.09 29.58
N ARG A 585 -6.54 4.07 30.03
CA ARG A 585 -7.80 3.76 30.67
C ARG A 585 -8.79 3.15 29.69
N LEU A 586 -8.75 3.53 28.41
CA LEU A 586 -9.56 2.86 27.41
C LEU A 586 -9.17 1.41 27.24
N ALA A 587 -7.86 1.13 27.27
CA ALA A 587 -7.41 -0.27 27.21
C ALA A 587 -7.87 -1.06 28.43
N VAL A 588 -7.80 -0.45 29.61
CA VAL A 588 -8.31 -1.09 30.82
C VAL A 588 -9.81 -1.33 30.68
N SER A 589 -10.52 -0.41 30.04
CA SER A 589 -11.95 -0.59 29.79
C SER A 589 -12.21 -1.75 28.86
N ARG A 590 -11.36 -1.94 27.85
CA ARG A 590 -11.50 -3.11 26.98
C ARG A 590 -11.34 -4.40 27.76
N LEU A 591 -10.34 -4.45 28.64
CA LEU A 591 -10.16 -5.63 29.48
C LEU A 591 -11.36 -5.85 30.39
N ILE A 592 -11.90 -4.77 30.95
CA ILE A 592 -13.05 -4.88 31.85
C ILE A 592 -14.26 -5.40 31.10
N LEU A 593 -14.50 -4.89 29.88
CA LEU A 593 -15.64 -5.33 29.09
C LEU A 593 -15.48 -6.77 28.62
N LYS A 594 -14.25 -7.24 28.40
CA LYS A 594 -14.05 -8.63 28.00
C LYS A 594 -14.47 -9.59 29.11
N ASP A 595 -14.18 -9.22 30.37
CA ASP A 595 -14.43 -10.01 31.58
C ASP A 595 -13.87 -11.43 31.47
N PRO A 596 -12.56 -11.60 31.52
CA PRO A 596 -11.99 -12.94 31.44
C PRO A 596 -11.76 -13.52 32.82
N PRO A 597 -11.50 -14.83 32.92
CA PRO A 597 -11.12 -15.39 34.22
C PRO A 597 -9.73 -14.99 34.66
N LEU A 598 -8.80 -14.77 33.73
CA LEU A 598 -7.42 -14.42 34.05
C LEU A 598 -7.13 -13.01 33.54
N LEU A 599 -6.67 -12.14 34.42
CA LEU A 599 -6.43 -10.74 34.11
C LEU A 599 -4.94 -10.47 34.23
N PHE A 600 -4.34 -9.96 33.15
CA PHE A 600 -2.92 -9.60 33.12
C PHE A 600 -2.80 -8.11 32.86
N PHE A 601 -2.26 -7.38 33.83
CA PHE A 601 -2.05 -5.95 33.68
C PHE A 601 -0.55 -5.70 33.52
N ASP A 602 -0.16 -5.21 32.34
CA ASP A 602 1.24 -4.95 32.03
C ASP A 602 1.47 -3.45 32.15
N GLN A 603 1.70 -3.01 33.39
CA GLN A 603 1.86 -1.60 33.73
C GLN A 603 0.65 -0.79 33.27
N ALA A 604 -0.50 -1.11 33.85
CA ALA A 604 -1.76 -0.51 33.43
C ALA A 604 -1.93 0.91 33.97
N THR A 605 -1.09 1.34 34.89
CA THR A 605 -1.17 2.67 35.47
C THR A 605 0.13 3.44 35.24
N SER A 606 0.80 3.18 34.11
CA SER A 606 2.09 3.80 33.88
C SER A 606 1.96 5.26 33.49
N ALA A 607 0.89 5.63 32.79
CA ALA A 607 0.72 6.97 32.27
C ALA A 607 -0.39 7.73 32.99
N LEU A 608 -0.63 7.43 34.26
CA LEU A 608 -1.70 8.03 35.02
C LEU A 608 -1.14 8.75 36.24
N ASP A 609 -1.78 9.86 36.60
CA ASP A 609 -1.39 10.57 37.80
C ASP A 609 -1.82 9.79 39.04
N THR A 610 -1.37 10.26 40.20
CA THR A 610 -1.51 9.48 41.43
C THR A 610 -2.98 9.30 41.82
N HIS A 611 -3.79 10.36 41.72
CA HIS A 611 -5.21 10.24 42.04
C HIS A 611 -5.93 9.31 41.06
N THR A 612 -5.65 9.48 39.77
CA THR A 612 -6.33 8.66 38.77
C THR A 612 -5.93 7.19 38.88
N GLU A 613 -4.63 6.92 39.09
CA GLU A 613 -4.24 5.53 39.25
C GLU A 613 -4.75 4.96 40.55
N GLN A 614 -4.89 5.78 41.59
CA GLN A 614 -5.44 5.30 42.85
C GLN A 614 -6.90 4.90 42.70
N ALA A 615 -7.71 5.75 42.05
CA ALA A 615 -9.10 5.42 41.82
C ALA A 615 -9.26 4.22 40.88
N LEU A 616 -8.46 4.18 39.82
CA LEU A 616 -8.53 3.06 38.88
C LEU A 616 -8.12 1.75 39.55
N MET A 617 -7.08 1.79 40.37
CA MET A 617 -6.66 0.59 41.09
C MET A 617 -7.70 0.16 42.11
N ALA A 618 -8.39 1.13 42.72
CA ALA A 618 -9.50 0.78 43.61
C ALA A 618 -10.59 0.02 42.87
N ASN A 619 -11.00 0.54 41.71
CA ASN A 619 -12.02 -0.13 40.91
C ASN A 619 -11.55 -1.51 40.44
N ILE A 620 -10.30 -1.61 39.98
CA ILE A 620 -9.78 -2.88 39.49
C ILE A 620 -9.69 -3.90 40.63
N ASN A 621 -9.23 -3.45 41.80
CA ASN A 621 -9.12 -4.35 42.94
C ASN A 621 -10.48 -4.85 43.40
N GLU A 622 -11.50 -3.97 43.41
CA GLU A 622 -12.81 -4.46 43.83
C GLU A 622 -13.43 -5.36 42.77
N VAL A 623 -13.14 -5.14 41.48
CA VAL A 623 -13.58 -6.06 40.44
C VAL A 623 -12.93 -7.43 40.62
N VAL A 624 -11.63 -7.44 40.88
CA VAL A 624 -10.90 -8.70 41.02
C VAL A 624 -11.38 -9.45 42.27
N LYS A 625 -11.56 -8.73 43.39
CA LYS A 625 -11.98 -9.37 44.62
C LYS A 625 -13.42 -9.86 44.54
N GLU A 626 -14.30 -9.10 43.88
CA GLU A 626 -15.70 -9.49 43.80
C GLU A 626 -15.89 -10.73 42.94
N LYS A 627 -15.20 -10.82 41.81
CA LYS A 627 -15.35 -11.93 40.88
C LYS A 627 -14.34 -13.05 41.10
N LYS A 628 -13.47 -12.91 42.10
CA LYS A 628 -12.44 -13.90 42.42
C LYS A 628 -11.56 -14.22 41.21
N ARG A 629 -11.21 -13.18 40.47
CA ARG A 629 -10.35 -13.33 39.30
C ARG A 629 -8.90 -13.50 39.73
N THR A 630 -8.15 -14.27 38.94
CA THR A 630 -6.71 -14.40 39.12
C THR A 630 -6.06 -13.26 38.34
N ALA A 631 -5.65 -12.21 39.06
CA ALA A 631 -5.08 -11.03 38.44
C ALA A 631 -3.58 -11.01 38.64
N LEU A 632 -2.84 -10.82 37.55
CA LEU A 632 -1.39 -10.79 37.57
C LEU A 632 -0.93 -9.41 37.12
N PHE A 633 -0.44 -8.61 38.07
CA PHE A 633 -0.06 -7.22 37.82
C PHE A 633 1.44 -7.14 37.61
N VAL A 634 1.85 -6.79 36.40
CA VAL A 634 3.24 -6.42 36.15
C VAL A 634 3.31 -4.91 36.30
N ALA A 635 4.09 -4.45 37.28
CA ALA A 635 4.07 -3.03 37.62
C ALA A 635 5.43 -2.58 38.13
N HIS A 636 5.85 -1.40 37.68
CA HIS A 636 7.02 -0.72 38.21
C HIS A 636 6.68 0.26 39.31
N ARG A 637 5.43 0.72 39.38
CA ARG A 637 4.98 1.55 40.47
C ARG A 637 4.56 0.61 41.59
N LEU A 638 5.43 0.46 42.59
CA LEU A 638 5.19 -0.49 43.67
C LEU A 638 4.05 -0.05 44.57
N ARG A 639 3.63 1.21 44.49
CA ARG A 639 2.61 1.72 45.40
C ARG A 639 1.22 1.24 45.00
N THR A 640 1.07 0.70 43.80
CA THR A 640 -0.20 0.13 43.35
C THR A 640 -0.35 -1.33 43.71
N ILE A 641 0.71 -2.02 44.12
CA ILE A 641 0.67 -3.46 44.34
C ILE A 641 1.22 -3.83 45.70
N TYR A 642 1.26 -2.87 46.63
CA TYR A 642 1.72 -3.19 47.97
C TYR A 642 0.69 -4.02 48.74
N ASP A 643 -0.55 -4.07 48.28
CA ASP A 643 -1.60 -4.87 48.90
C ASP A 643 -1.84 -6.17 48.16
N ALA A 644 -0.96 -6.55 47.25
CA ALA A 644 -1.12 -7.80 46.52
C ALA A 644 -0.90 -8.99 47.44
N ASP A 645 -1.62 -10.07 47.15
CA ASP A 645 -1.52 -11.27 47.97
C ASP A 645 -0.14 -11.91 47.85
N LEU A 646 0.40 -11.97 46.63
CA LEU A 646 1.72 -12.51 46.38
C LEU A 646 2.49 -11.53 45.51
N ILE A 647 3.72 -11.23 45.91
CA ILE A 647 4.60 -10.36 45.14
C ILE A 647 5.79 -11.19 44.68
N ILE A 648 5.97 -11.27 43.37
CA ILE A 648 7.01 -12.09 42.76
C ILE A 648 8.07 -11.14 42.23
N VAL A 649 9.29 -11.25 42.77
CA VAL A 649 10.40 -10.41 42.33
C VAL A 649 11.20 -11.19 41.30
N LEU A 650 11.28 -10.67 40.09
CA LEU A 650 11.91 -11.36 38.97
C LEU A 650 13.16 -10.60 38.57
N LYS A 651 14.32 -11.20 38.81
CA LYS A 651 15.59 -10.63 38.38
C LYS A 651 16.34 -11.68 37.57
N GLU A 652 17.04 -11.21 36.52
CA GLU A 652 17.81 -11.98 35.56
C GLU A 652 17.06 -13.23 35.06
N GLY A 653 15.74 -13.11 34.93
CA GLY A 653 14.94 -14.20 34.39
C GLY A 653 14.71 -15.36 35.33
N VAL A 654 14.88 -15.17 36.63
CA VAL A 654 14.58 -16.19 37.62
C VAL A 654 13.91 -15.50 38.80
N VAL A 655 13.02 -16.22 39.47
CA VAL A 655 12.37 -15.66 40.66
C VAL A 655 13.39 -15.64 41.79
N VAL A 656 13.79 -14.45 42.21
CA VAL A 656 14.78 -14.35 43.28
C VAL A 656 14.13 -14.45 44.66
N GLU A 657 12.88 -14.01 44.79
CA GLU A 657 12.17 -14.06 46.06
C GLU A 657 10.68 -13.83 45.82
N GLN A 658 9.85 -14.50 46.61
CA GLN A 658 8.41 -14.33 46.59
C GLN A 658 7.93 -13.90 47.97
N GLY A 659 6.62 -13.86 48.15
CA GLY A 659 6.02 -13.53 49.42
C GLY A 659 5.19 -12.26 49.31
N SER A 660 4.60 -11.90 50.45
CA SER A 660 3.80 -10.69 50.52
C SER A 660 4.71 -9.46 50.67
N HIS A 661 4.08 -8.30 50.85
CA HIS A 661 4.84 -7.06 51.02
C HIS A 661 5.61 -7.07 52.33
N ARG A 662 4.93 -7.39 53.43
CA ARG A 662 5.55 -7.38 54.75
C ARG A 662 6.64 -8.44 54.87
N GLU A 663 6.39 -9.64 54.32
CA GLU A 663 7.40 -10.70 54.33
C GLU A 663 8.63 -10.30 53.54
N LEU A 664 8.45 -9.66 52.39
CA LEU A 664 9.58 -9.18 51.62
C LEU A 664 10.29 -8.02 52.29
N MET A 665 9.61 -7.30 53.19
CA MET A 665 10.31 -6.31 54.00
C MET A 665 11.22 -6.98 55.03
N GLU A 666 10.71 -7.96 55.77
CA GLU A 666 11.64 -8.59 56.71
C GLU A 666 12.64 -9.51 56.02
N ARG A 667 12.45 -9.83 54.75
CA ARG A 667 13.51 -10.52 54.02
C ARG A 667 14.70 -9.59 53.76
N ASP A 668 14.43 -8.28 53.65
CA ASP A 668 15.45 -7.27 53.35
C ASP A 668 16.19 -7.60 52.06
N GLY A 669 15.46 -8.05 51.07
CA GLY A 669 16.02 -8.52 49.82
C GLY A 669 15.92 -7.50 48.71
N VAL A 670 15.69 -8.00 47.49
CA VAL A 670 15.65 -7.14 46.32
C VAL A 670 14.42 -6.24 46.34
N TYR A 671 13.28 -6.77 46.80
CA TYR A 671 12.08 -5.94 46.89
C TYR A 671 12.24 -4.83 47.91
N ALA A 672 12.93 -5.13 49.02
CA ALA A 672 13.23 -4.09 50.00
C ALA A 672 14.11 -3.01 49.40
N GLU A 673 15.07 -3.40 48.57
CA GLU A 673 15.93 -2.40 47.93
C GLU A 673 15.17 -1.59 46.89
N LEU A 674 14.19 -2.21 46.23
CA LEU A 674 13.32 -1.46 45.32
C LEU A 674 12.47 -0.45 46.07
N TRP A 675 11.97 -0.83 47.25
CA TRP A 675 11.01 0.02 47.94
C TRP A 675 11.71 1.13 48.73
N MET A 676 12.86 0.83 49.35
CA MET A 676 13.61 1.86 50.07
C MET A 676 14.14 2.93 49.14
N ALA A 677 14.27 2.64 47.86
CA ALA A 677 14.61 3.65 46.87
C ALA A 677 13.39 4.46 46.44
N GLN A 678 12.25 4.20 47.08
CA GLN A 678 11.03 5.01 46.96
C GLN A 678 10.48 5.05 45.54
N ALA B 92 -12.75 19.93 -16.42
CA ALA B 92 -12.26 19.56 -15.10
C ALA B 92 -10.90 18.87 -15.20
N ASP B 93 -10.90 17.67 -15.78
CA ASP B 93 -9.67 16.90 -15.92
C ASP B 93 -8.66 17.54 -16.88
N TRP B 94 -9.13 18.44 -17.73
CA TRP B 94 -8.22 19.17 -18.63
C TRP B 94 -7.22 20.00 -17.84
N ALA B 95 -7.65 20.55 -16.69
CA ALA B 95 -6.73 21.27 -15.82
C ALA B 95 -5.65 20.35 -15.27
N ILE B 96 -6.03 19.14 -14.86
CA ILE B 96 -5.05 18.18 -14.35
C ILE B 96 -4.08 17.77 -15.45
N ILE B 97 -4.57 17.57 -16.67
CA ILE B 97 -3.68 17.23 -17.78
C ILE B 97 -2.73 18.40 -18.07
N LYS B 98 -3.23 19.63 -18.00
CA LYS B 98 -2.36 20.80 -18.19
C LYS B 98 -1.27 20.86 -17.13
N GLN B 99 -1.63 20.61 -15.87
CA GLN B 99 -0.62 20.62 -14.80
C GLN B 99 0.38 19.49 -14.97
N MET B 100 -0.08 18.32 -15.42
CA MET B 100 0.80 17.18 -15.61
C MET B 100 1.71 17.35 -16.83
N SER B 101 1.32 18.18 -17.80
CA SER B 101 2.10 18.32 -19.02
C SER B 101 3.48 18.94 -18.80
N ARG B 102 3.74 19.52 -17.63
CA ARG B 102 5.06 20.08 -17.35
C ARG B 102 6.14 19.00 -17.28
N TYR B 103 5.77 17.74 -17.08
CA TYR B 103 6.74 16.66 -17.05
C TYR B 103 7.12 16.18 -18.45
N LEU B 104 6.36 16.57 -19.47
CA LEU B 104 6.78 16.31 -20.85
C LEU B 104 7.90 17.24 -21.26
N TRP B 105 7.94 18.46 -20.71
CA TRP B 105 8.83 19.51 -21.17
C TRP B 105 9.64 20.05 -19.99
N PRO B 106 10.64 19.30 -19.53
CA PRO B 106 11.50 19.80 -18.46
C PRO B 106 12.38 20.94 -18.96
N LYS B 107 12.68 21.87 -18.07
CA LYS B 107 13.44 23.07 -18.41
C LYS B 107 14.87 23.05 -17.89
N ASP B 108 15.36 21.90 -17.43
CA ASP B 108 16.68 21.84 -16.79
C ASP B 108 17.66 20.96 -17.54
N SER B 109 17.32 19.68 -17.79
CA SER B 109 18.32 18.73 -18.23
C SER B 109 18.69 18.92 -19.70
N TRP B 110 17.68 19.12 -20.56
CA TRP B 110 17.79 19.35 -21.99
C TRP B 110 18.21 18.08 -22.74
N SER B 111 18.60 17.04 -22.01
CA SER B 111 18.89 15.75 -22.61
C SER B 111 17.64 14.87 -22.66
N ASP B 112 16.81 14.92 -21.61
CA ASP B 112 15.49 14.32 -21.70
C ASP B 112 14.61 15.05 -22.69
N LYS B 113 14.89 16.34 -22.95
CA LYS B 113 14.24 17.02 -24.06
C LYS B 113 14.63 16.39 -25.39
N ALA B 114 15.92 16.04 -25.55
CA ALA B 114 16.36 15.35 -26.74
C ALA B 114 15.72 13.96 -26.84
N ARG B 115 15.56 13.28 -25.71
CA ARG B 115 14.88 11.99 -25.72
C ARG B 115 13.42 12.13 -26.12
N VAL B 116 12.75 13.19 -25.65
CA VAL B 116 11.36 13.44 -26.04
C VAL B 116 11.26 13.71 -27.53
N LEU B 117 12.17 14.52 -28.07
CA LEU B 117 12.13 14.81 -29.50
C LEU B 117 12.43 13.57 -30.33
N LEU B 118 13.38 12.74 -29.89
CA LEU B 118 13.67 11.51 -30.61
C LEU B 118 12.50 10.55 -30.56
N ALA B 119 11.83 10.45 -29.41
CA ALA B 119 10.64 9.61 -29.30
C ALA B 119 9.52 10.12 -30.20
N LEU B 120 9.34 11.44 -30.29
CA LEU B 120 8.32 11.99 -31.17
C LEU B 120 8.65 11.75 -32.64
N SER B 121 9.93 11.89 -33.01
CA SER B 121 10.32 11.62 -34.39
C SER B 121 10.13 10.16 -34.75
N LEU B 122 10.49 9.24 -33.85
CA LEU B 122 10.25 7.83 -34.10
C LEU B 122 8.76 7.51 -34.12
N LEU B 123 7.97 8.24 -33.33
CA LEU B 123 6.52 8.09 -33.36
C LEU B 123 5.96 8.43 -34.74
N VAL B 124 6.36 9.58 -35.28
CA VAL B 124 5.88 10.01 -36.59
C VAL B 124 6.38 9.07 -37.67
N GLY B 125 7.64 8.65 -37.59
CA GLY B 125 8.17 7.73 -38.59
C GLY B 125 7.48 6.38 -38.57
N GLY B 126 7.20 5.86 -37.37
CA GLY B 126 6.49 4.60 -37.26
C GLY B 126 5.08 4.69 -37.80
N LYS B 127 4.38 5.78 -37.50
CA LYS B 127 3.04 5.94 -38.04
C LYS B 127 3.05 6.07 -39.56
N VAL B 128 4.04 6.77 -40.11
CA VAL B 128 4.14 6.91 -41.57
C VAL B 128 4.42 5.55 -42.22
N LEU B 129 5.31 4.75 -41.64
CA LEU B 129 5.56 3.42 -42.22
C LEU B 129 4.35 2.50 -42.09
N ASN B 130 3.65 2.58 -40.94
CA ASN B 130 2.44 1.80 -40.74
C ASN B 130 1.35 2.19 -41.73
N VAL B 131 1.33 3.45 -42.15
CA VAL B 131 0.39 3.87 -43.17
C VAL B 131 0.88 3.54 -44.58
N HIS B 132 2.19 3.38 -44.78
CA HIS B 132 2.67 2.90 -46.07
C HIS B 132 2.34 1.44 -46.33
N VAL B 133 2.33 0.60 -45.30
CA VAL B 133 2.19 -0.83 -45.58
C VAL B 133 0.87 -1.21 -46.28
N PRO B 134 -0.28 -0.55 -46.07
CA PRO B 134 -1.41 -0.84 -46.97
C PRO B 134 -1.16 -0.40 -48.41
N PHE B 135 -0.35 0.64 -48.63
CA PHE B 135 -0.05 1.05 -50.00
C PHE B 135 0.78 -0.01 -50.71
N TYR B 136 1.74 -0.61 -50.02
CA TYR B 136 2.50 -1.70 -50.60
C TYR B 136 1.64 -2.94 -50.81
N PHE B 137 0.67 -3.19 -49.91
CA PHE B 137 -0.24 -4.29 -50.15
C PHE B 137 -1.11 -4.03 -51.39
N ARG B 138 -1.57 -2.79 -51.55
CA ARG B 138 -2.30 -2.42 -52.76
C ARG B 138 -1.45 -2.60 -54.00
N GLU B 139 -0.17 -2.24 -53.93
CA GLU B 139 0.72 -2.41 -55.07
C GLU B 139 0.92 -3.88 -55.40
N ILE B 140 1.08 -4.74 -54.39
CA ILE B 140 1.20 -6.17 -54.63
C ILE B 140 -0.07 -6.70 -55.30
N ILE B 141 -1.24 -6.28 -54.79
CA ILE B 141 -2.51 -6.76 -55.33
C ILE B 141 -2.66 -6.34 -56.78
N ASP B 142 -2.35 -5.08 -57.09
CA ASP B 142 -2.51 -4.59 -58.46
C ASP B 142 -1.51 -5.23 -59.41
N ARG B 143 -0.25 -5.39 -58.98
CA ARG B 143 0.76 -5.96 -59.86
C ARG B 143 0.54 -7.45 -60.09
N LEU B 144 -0.10 -8.13 -59.13
CA LEU B 144 -0.46 -9.53 -59.36
C LEU B 144 -1.81 -9.68 -60.06
N ASN B 145 -2.64 -8.64 -60.07
CA ASN B 145 -3.94 -8.73 -60.72
C ASN B 145 -3.83 -8.43 -62.21
N ILE B 146 -3.22 -7.29 -62.55
CA ILE B 146 -3.16 -6.90 -63.97
C ILE B 146 -2.18 -7.77 -64.74
N ASP B 147 -1.20 -8.36 -64.06
CA ASP B 147 -0.18 -9.18 -64.71
C ASP B 147 -0.45 -10.67 -64.53
N VAL B 148 -1.72 -11.06 -64.54
CA VAL B 148 -2.05 -12.49 -64.48
C VAL B 148 -2.00 -13.11 -65.87
N ALA B 149 -2.19 -12.32 -66.92
CA ALA B 149 -2.19 -12.86 -68.29
C ALA B 149 -0.78 -13.25 -68.72
N ALA B 150 0.19 -12.37 -68.51
CA ALA B 150 1.55 -12.65 -68.95
C ALA B 150 2.25 -13.58 -67.96
N VAL B 151 3.07 -14.48 -68.50
CA VAL B 151 3.79 -15.46 -67.70
C VAL B 151 5.06 -14.82 -67.14
N GLY B 152 5.25 -14.90 -65.83
CA GLY B 152 6.42 -14.37 -65.19
C GLY B 152 6.67 -15.02 -63.85
N GLY B 153 7.86 -14.78 -63.31
CA GLY B 153 8.24 -15.30 -62.02
C GLY B 153 8.06 -14.25 -60.93
N THR B 154 7.81 -14.72 -59.71
CA THR B 154 7.59 -13.83 -58.58
C THR B 154 8.88 -13.39 -57.90
N VAL B 155 10.04 -13.86 -58.38
CA VAL B 155 11.30 -13.52 -57.74
C VAL B 155 11.59 -12.03 -57.86
N SER B 156 11.70 -11.54 -59.08
CA SER B 156 11.87 -10.12 -59.31
C SER B 156 11.01 -9.56 -60.43
N ALA B 157 10.44 -10.41 -61.29
CA ALA B 157 9.80 -9.91 -62.49
C ALA B 157 8.49 -9.19 -62.19
N VAL B 158 7.74 -9.66 -61.20
CA VAL B 158 6.37 -9.22 -60.99
C VAL B 158 6.21 -8.46 -59.68
N ALA B 159 6.57 -9.08 -58.55
CA ALA B 159 6.21 -8.46 -57.27
C ALA B 159 7.25 -8.62 -56.18
N GLY B 160 8.48 -9.05 -56.49
CA GLY B 160 9.45 -9.31 -55.43
C GLY B 160 9.87 -8.07 -54.67
N ALA B 161 10.16 -6.98 -55.39
CA ALA B 161 10.62 -5.77 -54.74
C ALA B 161 9.54 -5.18 -53.85
N VAL B 162 8.28 -5.25 -54.28
CA VAL B 162 7.23 -4.68 -53.47
C VAL B 162 6.83 -5.63 -52.32
N ILE B 163 7.04 -6.94 -52.47
CA ILE B 163 6.86 -7.85 -51.33
C ILE B 163 7.89 -7.52 -50.24
N PHE B 164 9.15 -7.36 -50.64
CA PHE B 164 10.18 -6.96 -49.67
C PHE B 164 9.90 -5.58 -49.10
N ALA B 165 9.41 -4.65 -49.92
CA ALA B 165 9.06 -3.33 -49.42
C ALA B 165 7.97 -3.39 -48.37
N TYR B 166 6.93 -4.20 -48.60
CA TYR B 166 5.85 -4.38 -47.64
C TYR B 166 6.37 -4.94 -46.33
N GLY B 167 7.17 -6.01 -46.42
CA GLY B 167 7.68 -6.62 -45.20
C GLY B 167 8.60 -5.71 -44.42
N ALA B 168 9.51 -5.03 -45.12
CA ALA B 168 10.45 -4.12 -44.47
C ALA B 168 9.73 -2.92 -43.87
N SER B 169 8.67 -2.44 -44.49
CA SER B 169 7.94 -1.31 -43.92
C SER B 169 7.15 -1.72 -42.68
N ARG B 170 6.59 -2.93 -42.68
CA ARG B 170 5.94 -3.42 -41.47
C ARG B 170 6.93 -3.57 -40.32
N ILE B 171 8.10 -4.16 -40.61
CA ILE B 171 9.18 -4.26 -39.64
C ILE B 171 9.59 -2.88 -39.14
N GLY B 172 9.76 -1.93 -40.06
CA GLY B 172 10.19 -0.60 -39.66
C GLY B 172 9.19 0.09 -38.75
N ALA B 173 7.89 -0.06 -39.07
CA ALA B 173 6.86 0.55 -38.25
C ALA B 173 6.89 0.01 -36.83
N VAL B 174 6.88 -1.33 -36.68
CA VAL B 174 6.80 -1.87 -35.33
C VAL B 174 8.11 -1.67 -34.56
N VAL B 175 9.26 -1.76 -35.25
CA VAL B 175 10.54 -1.55 -34.59
C VAL B 175 10.69 -0.12 -34.11
N SER B 176 10.30 0.85 -34.93
CA SER B 176 10.40 2.24 -34.51
C SER B 176 9.42 2.56 -33.40
N GLN B 177 8.23 1.94 -33.41
CA GLN B 177 7.30 2.13 -32.31
C GLN B 177 7.90 1.63 -30.99
N GLU B 178 8.45 0.42 -30.98
CA GLU B 178 9.04 -0.09 -29.75
C GLU B 178 10.29 0.69 -29.37
N LEU B 179 11.02 1.21 -30.35
CA LEU B 179 12.22 1.98 -30.05
C LEU B 179 11.87 3.31 -29.38
N ARG B 180 10.81 3.99 -29.83
CA ARG B 180 10.42 5.20 -29.12
C ARG B 180 9.80 4.89 -27.77
N ASN B 181 9.17 3.71 -27.61
CA ASN B 181 8.74 3.30 -26.28
C ASN B 181 9.93 3.18 -25.34
N ALA B 182 11.00 2.52 -25.80
CA ALA B 182 12.21 2.40 -24.99
C ALA B 182 12.85 3.74 -24.69
N VAL B 183 12.83 4.65 -25.67
CA VAL B 183 13.44 5.96 -25.47
C VAL B 183 12.66 6.78 -24.44
N PHE B 184 11.33 6.82 -24.57
CA PHE B 184 10.53 7.63 -23.67
C PHE B 184 10.37 7.01 -22.28
N SER B 185 10.69 5.72 -22.13
CA SER B 185 10.61 5.10 -20.81
C SER B 185 11.49 5.81 -19.79
N SER B 186 12.68 6.24 -20.20
CA SER B 186 13.59 6.91 -19.27
C SER B 186 13.01 8.23 -18.78
N VAL B 187 12.44 9.01 -19.69
CA VAL B 187 11.82 10.28 -19.32
C VAL B 187 10.65 10.05 -18.38
N ALA B 188 9.81 9.05 -18.68
CA ALA B 188 8.67 8.74 -17.81
C ALA B 188 9.13 8.34 -16.42
N GLN B 189 10.15 7.49 -16.32
CA GLN B 189 10.61 7.03 -15.02
C GLN B 189 11.30 8.13 -14.21
N LYS B 190 12.05 9.02 -14.87
CA LYS B 190 12.60 10.17 -14.16
C LYS B 190 11.50 11.08 -13.64
N ALA B 191 10.44 11.28 -14.43
CA ALA B 191 9.28 12.02 -13.93
C ALA B 191 8.64 11.33 -12.74
N ILE B 192 8.61 10.00 -12.74
CA ILE B 192 8.09 9.24 -11.60
C ILE B 192 8.88 9.51 -10.33
N ARG B 193 10.20 9.39 -10.40
CA ARG B 193 11.02 9.61 -9.22
C ARG B 193 10.92 11.04 -8.70
N ARG B 194 10.92 12.02 -9.60
CA ARG B 194 10.78 13.40 -9.18
C ARG B 194 9.42 13.70 -8.56
N VAL B 195 8.34 13.20 -9.14
CA VAL B 195 7.01 13.42 -8.57
C VAL B 195 6.89 12.76 -7.20
N ALA B 196 7.37 11.52 -7.08
CA ALA B 196 7.26 10.81 -5.81
C ALA B 196 8.06 11.48 -4.71
N THR B 197 9.30 11.88 -5.02
CA THR B 197 10.13 12.56 -4.02
C THR B 197 9.52 13.89 -3.61
N GLN B 198 9.01 14.67 -4.58
CA GLN B 198 8.40 15.94 -4.25
C GLN B 198 7.17 15.77 -3.38
N THR B 199 6.33 14.77 -3.69
CA THR B 199 5.10 14.59 -2.93
C THR B 199 5.38 14.06 -1.54
N PHE B 200 6.35 13.15 -1.40
CA PHE B 200 6.77 12.69 -0.08
C PHE B 200 7.32 13.84 0.75
N GLY B 201 8.14 14.69 0.14
CA GLY B 201 8.67 15.84 0.86
C GLY B 201 7.58 16.81 1.30
N HIS B 202 6.55 16.99 0.47
CA HIS B 202 5.43 17.83 0.90
C HIS B 202 4.65 17.17 2.03
N LEU B 203 4.54 15.84 2.00
CA LEU B 203 3.86 15.13 3.09
C LEU B 203 4.58 15.32 4.41
N LEU B 204 5.92 15.24 4.40
CA LEU B 204 6.66 15.35 5.64
C LEU B 204 6.61 16.76 6.25
N ASN B 205 6.23 17.77 5.48
CA ASN B 205 6.10 19.12 6.00
C ASN B 205 4.67 19.50 6.32
N LEU B 206 3.72 18.57 6.22
CA LEU B 206 2.34 18.88 6.54
C LEU B 206 2.17 18.98 8.06
N ASP B 207 0.97 19.40 8.46
CA ASP B 207 0.68 19.66 9.86
C ASP B 207 0.61 18.35 10.65
N LEU B 208 0.82 18.47 11.96
CA LEU B 208 0.70 17.31 12.83
C LEU B 208 -0.74 16.80 12.88
N SER B 209 -1.71 17.71 12.84
CA SER B 209 -3.11 17.32 12.93
C SER B 209 -3.53 16.47 11.74
N PHE B 210 -3.02 16.77 10.55
CA PHE B 210 -3.31 15.95 9.38
C PHE B 210 -2.76 14.55 9.55
N HIS B 211 -1.54 14.43 10.09
CA HIS B 211 -0.93 13.12 10.26
C HIS B 211 -1.55 12.33 11.39
N LEU B 212 -2.13 13.01 12.38
CA LEU B 212 -2.84 12.31 13.44
C LEU B 212 -4.20 11.83 12.98
N SER B 213 -4.88 12.57 12.11
CA SER B 213 -6.24 12.24 11.71
C SER B 213 -6.32 11.38 10.46
N LYS B 214 -5.19 11.02 9.86
CA LYS B 214 -5.20 10.22 8.65
C LYS B 214 -5.12 8.73 8.97
N GLN B 215 -5.14 7.91 7.93
CA GLN B 215 -4.91 6.48 8.03
C GLN B 215 -3.53 6.15 7.47
N THR B 216 -2.80 5.28 8.18
CA THR B 216 -1.41 4.99 7.81
C THR B 216 -1.32 4.39 6.42
N GLY B 217 -2.18 3.42 6.11
CA GLY B 217 -2.17 2.82 4.78
C GLY B 217 -2.58 3.78 3.68
N GLY B 218 -3.52 4.69 3.99
CA GLY B 218 -4.11 5.52 2.95
C GLY B 218 -3.12 6.46 2.30
N LEU B 219 -2.26 7.09 3.09
CA LEU B 219 -1.31 8.07 2.54
C LEU B 219 -0.30 7.40 1.62
N THR B 220 0.32 6.30 2.08
CA THR B 220 1.31 5.64 1.25
C THR B 220 0.68 4.96 0.05
N ARG B 221 -0.58 4.50 0.19
CA ARG B 221 -1.30 3.98 -0.96
C ARG B 221 -1.55 5.07 -1.98
N ALA B 222 -1.93 6.26 -1.52
CA ALA B 222 -2.10 7.39 -2.43
C ALA B 222 -0.78 7.72 -3.13
N ILE B 223 0.33 7.68 -2.39
CA ILE B 223 1.62 8.03 -2.98
C ILE B 223 2.00 7.05 -4.08
N ASP B 224 2.12 5.77 -3.75
CA ASP B 224 2.63 4.83 -4.74
C ASP B 224 1.63 4.58 -5.86
N ARG B 225 0.33 4.59 -5.55
CA ARG B 225 -0.68 4.44 -6.59
C ARG B 225 -0.71 5.67 -7.50
N GLY B 226 -0.46 6.86 -6.95
CA GLY B 226 -0.37 8.04 -7.80
C GLY B 226 0.85 8.02 -8.69
N THR B 227 1.97 7.49 -8.20
CA THR B 227 3.14 7.36 -9.07
C THR B 227 2.88 6.36 -10.19
N LYS B 228 2.23 5.24 -9.87
CA LYS B 228 1.83 4.29 -10.91
C LYS B 228 0.88 4.97 -11.89
N GLY B 229 0.01 5.85 -11.40
CA GLY B 229 -0.86 6.59 -12.29
C GLY B 229 -0.13 7.54 -13.21
N ILE B 230 0.86 8.28 -12.68
CA ILE B 230 1.68 9.16 -13.51
C ILE B 230 2.34 8.36 -14.63
N SER B 231 2.95 7.23 -14.26
CA SER B 231 3.64 6.41 -15.26
C SER B 231 2.67 5.90 -16.32
N TYR B 232 1.54 5.34 -15.89
CA TYR B 232 0.60 4.76 -16.82
C TYR B 232 -0.02 5.81 -17.73
N LEU B 233 -0.32 6.99 -17.18
CA LEU B 233 -1.00 8.00 -17.98
C LEU B 233 -0.03 8.64 -18.96
N LEU B 234 1.21 8.90 -18.55
CA LEU B 234 2.21 9.41 -19.48
C LEU B 234 2.49 8.41 -20.60
N THR B 235 2.66 7.14 -20.24
CA THR B 235 2.93 6.13 -21.27
C THR B 235 1.71 5.90 -22.16
N SER B 236 0.50 6.08 -21.65
CA SER B 236 -0.66 5.95 -22.51
C SER B 236 -0.80 7.15 -23.45
N MET B 237 -0.53 8.35 -22.94
CA MET B 237 -0.71 9.54 -23.76
C MET B 237 0.35 9.65 -24.84
N VAL B 238 1.59 9.24 -24.54
CA VAL B 238 2.64 9.29 -25.55
C VAL B 238 2.69 8.01 -26.39
N PHE B 239 2.25 6.88 -25.84
CA PHE B 239 2.44 5.59 -26.49
C PHE B 239 1.19 5.12 -27.24
N HIS B 240 0.00 5.53 -26.81
CA HIS B 240 -1.21 4.96 -27.38
C HIS B 240 -2.23 6.00 -27.82
N ILE B 241 -2.25 7.17 -27.18
CA ILE B 241 -3.28 8.16 -27.49
C ILE B 241 -2.87 9.10 -28.60
N VAL B 242 -1.72 9.76 -28.45
CA VAL B 242 -1.20 10.62 -29.51
C VAL B 242 -0.88 9.85 -30.79
N PRO B 243 -0.22 8.68 -30.76
CA PRO B 243 -0.07 7.92 -32.02
C PRO B 243 -1.38 7.54 -32.66
N THR B 244 -2.40 7.20 -31.88
CA THR B 244 -3.69 6.88 -32.49
C THR B 244 -4.32 8.10 -33.12
N ALA B 245 -4.28 9.25 -32.43
CA ALA B 245 -4.85 10.48 -33.00
C ALA B 245 -4.14 10.86 -34.28
N LEU B 246 -2.83 10.69 -34.31
CA LEU B 246 -2.07 10.91 -35.54
C LEU B 246 -2.48 9.91 -36.61
N GLU B 247 -2.82 8.68 -36.21
CA GLU B 247 -3.30 7.69 -37.18
C GLU B 247 -4.62 8.11 -37.80
N ILE B 248 -5.58 8.56 -36.99
CA ILE B 248 -6.83 9.10 -37.56
C ILE B 248 -6.52 10.28 -38.47
N GLY B 249 -5.57 11.12 -38.07
CA GLY B 249 -5.22 12.26 -38.92
C GLY B 249 -4.76 11.85 -40.31
N MET B 250 -3.77 10.95 -40.38
CA MET B 250 -3.27 10.57 -41.70
C MET B 250 -4.25 9.66 -42.45
N VAL B 251 -5.02 8.83 -41.75
CA VAL B 251 -6.00 7.99 -42.44
C VAL B 251 -7.10 8.84 -43.06
N CYS B 252 -7.63 9.81 -42.31
CA CYS B 252 -8.61 10.73 -42.89
C CYS B 252 -8.02 11.51 -44.05
N GLY B 253 -6.78 12.00 -43.90
CA GLY B 253 -6.17 12.76 -44.96
C GLY B 253 -5.97 11.95 -46.23
N ILE B 254 -5.50 10.71 -46.09
CA ILE B 254 -5.22 9.90 -47.26
C ILE B 254 -6.51 9.44 -47.93
N LEU B 255 -7.53 9.09 -47.15
CA LEU B 255 -8.79 8.68 -47.76
C LEU B 255 -9.53 9.85 -48.40
N THR B 256 -9.32 11.07 -47.89
CA THR B 256 -9.88 12.25 -48.54
C THR B 256 -9.07 12.66 -49.76
N TYR B 257 -7.77 12.37 -49.78
CA TYR B 257 -6.94 12.78 -50.89
C TYR B 257 -7.06 11.82 -52.07
N GLN B 258 -6.82 10.54 -51.84
CA GLN B 258 -6.82 9.57 -52.92
C GLN B 258 -8.23 9.24 -53.42
N PHE B 259 -9.23 9.38 -52.55
CA PHE B 259 -10.61 9.11 -52.90
C PHE B 259 -11.44 10.37 -52.66
N GLY B 260 -12.76 10.23 -52.84
CA GLY B 260 -13.61 11.40 -52.82
C GLY B 260 -13.78 12.05 -51.45
N TRP B 261 -14.56 13.12 -51.39
CA TRP B 261 -14.95 13.71 -50.13
C TRP B 261 -15.97 12.86 -49.39
N GLU B 262 -16.53 11.85 -50.05
CA GLU B 262 -17.49 10.97 -49.39
C GLU B 262 -16.86 10.27 -48.20
N PHE B 263 -15.62 9.79 -48.37
CA PHE B 263 -14.94 9.11 -47.27
C PHE B 263 -14.64 10.08 -46.13
N ALA B 264 -14.34 11.33 -46.44
CA ALA B 264 -14.16 12.33 -45.40
C ALA B 264 -15.45 12.56 -44.63
N ALA B 265 -16.58 12.65 -45.34
CA ALA B 265 -17.86 12.82 -44.66
C ALA B 265 -18.19 11.63 -43.78
N ILE B 266 -17.95 10.42 -44.28
CA ILE B 266 -18.22 9.20 -43.49
C ILE B 266 -17.35 9.18 -42.24
N THR B 267 -16.07 9.51 -42.38
CA THR B 267 -15.18 9.43 -41.22
C THR B 267 -15.43 10.56 -40.23
N ALA B 268 -15.84 11.74 -40.71
CA ALA B 268 -16.22 12.81 -39.81
C ALA B 268 -17.47 12.45 -39.02
N ALA B 269 -18.48 11.87 -39.68
CA ALA B 269 -19.66 11.41 -38.97
C ALA B 269 -19.31 10.30 -37.98
N THR B 270 -18.35 9.45 -38.34
CA THR B 270 -17.91 8.40 -37.44
C THR B 270 -17.25 8.98 -36.20
N MET B 271 -16.38 9.97 -36.36
CA MET B 271 -15.74 10.60 -35.21
C MET B 271 -16.77 11.31 -34.34
N ALA B 272 -17.76 11.96 -34.97
CA ALA B 272 -18.82 12.61 -34.20
C ALA B 272 -19.61 11.61 -33.37
N ALA B 273 -20.05 10.52 -33.99
CA ALA B 273 -20.82 9.51 -33.26
C ALA B 273 -19.98 8.83 -32.19
N TYR B 274 -18.72 8.54 -32.51
CA TYR B 274 -17.81 7.91 -31.56
C TYR B 274 -17.62 8.77 -30.33
N THR B 275 -17.38 10.07 -30.54
CA THR B 275 -17.18 10.98 -29.41
C THR B 275 -18.46 11.16 -28.61
N ALA B 276 -19.61 11.27 -29.28
CA ALA B 276 -20.87 11.42 -28.55
C ALA B 276 -21.16 10.21 -27.67
N PHE B 277 -21.03 9.01 -28.24
CA PHE B 277 -21.24 7.79 -27.48
C PHE B 277 -20.25 7.68 -26.33
N THR B 278 -18.97 8.00 -26.60
CA THR B 278 -17.94 7.87 -25.58
C THR B 278 -18.19 8.81 -24.41
N ILE B 279 -18.53 10.07 -24.68
CA ILE B 279 -18.74 11.01 -23.59
C ILE B 279 -20.02 10.68 -22.82
N THR B 280 -21.07 10.22 -23.52
CA THR B 280 -22.29 9.83 -22.80
C THR B 280 -22.04 8.65 -21.86
N THR B 281 -21.41 7.59 -22.37
CA THR B 281 -21.19 6.42 -21.55
C THR B 281 -20.09 6.63 -20.51
N THR B 282 -19.18 7.58 -20.73
CA THR B 282 -18.20 7.92 -19.71
C THR B 282 -18.83 8.71 -18.57
N ALA B 283 -19.73 9.64 -18.90
CA ALA B 283 -20.51 10.31 -17.86
C ALA B 283 -21.40 9.33 -17.10
N TRP B 284 -21.76 8.20 -17.69
CA TRP B 284 -22.49 7.17 -16.95
C TRP B 284 -21.56 6.20 -16.23
N ARG B 285 -20.31 6.10 -16.66
CA ARG B 285 -19.35 5.15 -16.08
C ARG B 285 -18.58 5.73 -14.91
N THR B 286 -18.66 7.04 -14.68
CA THR B 286 -17.86 7.64 -13.63
C THR B 286 -18.29 7.25 -12.22
N LYS B 287 -19.60 7.04 -12.00
CA LYS B 287 -20.09 6.69 -10.68
C LYS B 287 -19.53 5.35 -10.22
N PHE B 288 -19.57 4.35 -11.10
CA PHE B 288 -19.13 3.01 -10.76
C PHE B 288 -17.65 2.99 -10.43
N ARG B 289 -16.85 3.73 -11.19
CA ARG B 289 -15.41 3.74 -11.03
C ARG B 289 -14.97 4.51 -9.81
N ARG B 290 -15.68 5.58 -9.43
CA ARG B 290 -15.36 6.23 -8.17
C ARG B 290 -15.83 5.42 -6.96
N GLN B 291 -16.95 4.69 -7.09
CA GLN B 291 -17.38 3.81 -6.01
C GLN B 291 -16.40 2.65 -5.81
N ALA B 292 -15.86 2.11 -6.90
CA ALA B 292 -14.87 1.05 -6.78
C ALA B 292 -13.61 1.53 -6.08
N ASN B 293 -13.16 2.74 -6.42
CA ASN B 293 -11.98 3.30 -5.76
C ASN B 293 -12.23 3.56 -4.29
N ALA B 294 -13.40 4.09 -3.95
CA ALA B 294 -13.74 4.33 -2.55
C ALA B 294 -13.79 3.03 -1.75
N ALA B 295 -14.40 1.99 -2.32
CA ALA B 295 -14.48 0.72 -1.61
C ALA B 295 -13.12 0.05 -1.50
N ASP B 296 -12.28 0.20 -2.53
CA ASP B 296 -10.92 -0.32 -2.46
C ASP B 296 -10.13 0.36 -1.35
N ASN B 297 -10.26 1.68 -1.24
CA ASN B 297 -9.60 2.41 -0.16
C ASN B 297 -10.11 1.97 1.21
N ALA B 298 -11.43 1.76 1.33
CA ALA B 298 -11.99 1.32 2.59
C ALA B 298 -11.47 -0.05 3.00
N ALA B 299 -11.42 -0.99 2.04
CA ALA B 299 -10.88 -2.32 2.33
C ALA B 299 -9.41 -2.25 2.72
N SER B 300 -8.63 -1.42 2.02
CA SER B 300 -7.22 -1.30 2.35
C SER B 300 -7.02 -0.72 3.74
N THR B 301 -7.81 0.29 4.12
CA THR B 301 -7.67 0.85 5.46
C THR B 301 -8.08 -0.15 6.53
N VAL B 302 -9.12 -0.95 6.26
CA VAL B 302 -9.51 -1.99 7.21
C VAL B 302 -8.36 -2.98 7.42
N ALA B 303 -7.75 -3.42 6.31
CA ALA B 303 -6.66 -4.38 6.41
C ALA B 303 -5.46 -3.79 7.16
N VAL B 304 -5.08 -2.55 6.85
CA VAL B 304 -3.92 -1.93 7.48
C VAL B 304 -4.17 -1.71 8.96
N ASP B 305 -5.36 -1.21 9.32
CA ASP B 305 -5.67 -0.97 10.73
C ASP B 305 -5.75 -2.28 11.50
N SER B 306 -6.19 -3.36 10.86
CA SER B 306 -6.21 -4.65 11.55
C SER B 306 -4.80 -5.20 11.74
N LEU B 307 -3.91 -5.00 10.75
CA LEU B 307 -2.57 -5.54 10.86
C LEU B 307 -1.68 -4.74 11.80
N ILE B 308 -1.93 -3.43 11.93
CA ILE B 308 -1.20 -2.63 12.91
C ILE B 308 -1.52 -3.09 14.32
N ASN B 309 -2.79 -3.40 14.57
CA ASN B 309 -3.29 -3.82 15.88
C ASN B 309 -3.41 -5.33 15.98
N TYR B 310 -2.44 -6.07 15.43
CA TYR B 310 -2.47 -7.53 15.49
C TYR B 310 -2.51 -8.02 16.92
N GLU B 311 -1.71 -7.42 17.79
CA GLU B 311 -1.74 -7.80 19.20
C GLU B 311 -3.10 -7.51 19.81
N ALA B 312 -3.75 -6.43 19.38
CA ALA B 312 -5.09 -6.12 19.89
C ALA B 312 -6.12 -7.13 19.39
N VAL B 313 -6.01 -7.58 18.14
CA VAL B 313 -7.01 -8.51 17.63
C VAL B 313 -6.81 -9.89 18.23
N LYS B 314 -5.56 -10.25 18.55
CA LYS B 314 -5.32 -11.55 19.17
C LYS B 314 -5.64 -11.53 20.66
N TYR B 315 -5.44 -10.40 21.33
CA TYR B 315 -5.72 -10.32 22.75
C TYR B 315 -7.21 -10.38 23.05
N PHE B 316 -8.04 -9.87 22.15
CA PHE B 316 -9.48 -9.83 22.36
C PHE B 316 -10.23 -10.73 21.39
N ASN B 317 -9.50 -11.60 20.67
CA ASN B 317 -10.08 -12.69 19.90
C ASN B 317 -11.05 -12.21 18.84
N ASN B 318 -10.71 -11.09 18.21
CA ASN B 318 -11.56 -10.48 17.21
C ASN B 318 -11.04 -10.71 15.81
N GLU B 319 -10.41 -11.87 15.58
CA GLU B 319 -9.93 -12.20 14.25
C GLU B 319 -11.09 -12.38 13.28
N ALA B 320 -12.14 -13.07 13.71
CA ALA B 320 -13.31 -13.26 12.86
C ALA B 320 -14.02 -11.94 12.59
N TYR B 321 -14.02 -11.04 13.57
CA TYR B 321 -14.63 -9.73 13.40
C TYR B 321 -13.89 -8.92 12.34
N GLU B 322 -12.56 -8.91 12.39
CA GLU B 322 -11.78 -8.20 11.38
C GLU B 322 -11.92 -8.84 10.01
N ILE B 323 -11.97 -10.18 9.97
CA ILE B 323 -12.16 -10.87 8.70
C ILE B 323 -13.51 -10.52 8.09
N ALA B 324 -14.56 -10.46 8.92
CA ALA B 324 -15.87 -10.09 8.43
C ALA B 324 -15.90 -8.65 7.94
N ARG B 325 -15.22 -7.74 8.65
CA ARG B 325 -15.17 -6.35 8.22
C ARG B 325 -14.47 -6.21 6.87
N TYR B 326 -13.32 -6.89 6.73
CA TYR B 326 -12.60 -6.88 5.47
C TYR B 326 -13.42 -7.51 4.36
N ASP B 327 -14.15 -8.58 4.68
CA ASP B 327 -14.98 -9.26 3.69
C ASP B 327 -16.12 -8.36 3.22
N LYS B 328 -16.74 -7.60 4.12
CA LYS B 328 -17.81 -6.71 3.71
C LYS B 328 -17.29 -5.58 2.82
N ALA B 329 -16.13 -5.01 3.19
CA ALA B 329 -15.53 -3.99 2.34
C ALA B 329 -15.19 -4.55 0.96
N LEU B 330 -14.68 -5.78 0.92
CA LEU B 330 -14.39 -6.41 -0.36
C LEU B 330 -15.64 -6.76 -1.14
N GLN B 331 -16.76 -7.04 -0.46
CA GLN B 331 -18.04 -7.22 -1.14
C GLN B 331 -18.43 -5.96 -1.89
N ALA B 332 -18.32 -4.81 -1.22
CA ALA B 332 -18.61 -3.55 -1.88
C ALA B 332 -17.66 -3.32 -3.05
N TYR B 333 -16.38 -3.63 -2.86
CA TYR B 333 -15.41 -3.45 -3.94
C TYR B 333 -15.72 -4.34 -5.14
N GLU B 334 -16.07 -5.62 -4.91
CA GLU B 334 -16.32 -6.48 -6.05
C GLU B 334 -17.62 -6.12 -6.76
N ARG B 335 -18.63 -5.64 -6.02
CA ARG B 335 -19.85 -5.20 -6.67
C ARG B 335 -19.58 -4.01 -7.58
N SER B 336 -18.81 -3.04 -7.09
CA SER B 336 -18.50 -1.87 -7.90
C SER B 336 -17.59 -2.23 -9.07
N SER B 337 -16.65 -3.15 -8.88
CA SER B 337 -15.75 -3.54 -9.97
C SER B 337 -16.49 -4.32 -11.05
N ILE B 338 -17.45 -5.15 -10.65
CA ILE B 338 -18.29 -5.84 -11.63
C ILE B 338 -19.09 -4.84 -12.44
N LYS B 339 -19.66 -3.82 -11.77
CA LYS B 339 -20.36 -2.79 -12.53
C LYS B 339 -19.43 -2.03 -13.46
N VAL B 340 -18.19 -1.76 -13.02
CA VAL B 340 -17.21 -1.07 -13.87
C VAL B 340 -16.92 -1.87 -15.12
N ALA B 341 -16.63 -3.17 -14.95
CA ALA B 341 -16.29 -3.99 -16.10
C ALA B 341 -17.48 -4.22 -17.02
N THR B 342 -18.67 -4.41 -16.46
CA THR B 342 -19.88 -4.58 -17.25
C THR B 342 -20.23 -3.33 -18.04
N SER B 343 -19.89 -2.14 -17.53
CA SER B 343 -20.14 -0.91 -18.27
C SER B 343 -19.00 -0.54 -19.21
N LEU B 344 -17.80 -1.09 -19.01
CA LEU B 344 -16.73 -0.95 -19.99
C LEU B 344 -16.93 -1.86 -21.20
N ALA B 345 -17.53 -3.04 -20.99
CA ALA B 345 -17.86 -3.92 -22.09
C ALA B 345 -19.10 -3.46 -22.86
N PHE B 346 -19.74 -2.38 -22.40
CA PHE B 346 -20.74 -1.67 -23.18
C PHE B 346 -20.14 -0.52 -23.97
N LEU B 347 -19.21 0.23 -23.37
CA LEU B 347 -18.43 1.23 -24.08
C LEU B 347 -17.70 0.64 -25.27
N ASN B 348 -16.94 -0.43 -25.05
CA ASN B 348 -16.16 -1.02 -26.12
C ASN B 348 -17.06 -1.60 -27.19
N SER B 349 -18.13 -2.27 -26.77
CA SER B 349 -19.08 -2.85 -27.73
C SER B 349 -19.69 -1.78 -28.62
N GLY B 350 -20.22 -0.71 -28.01
CA GLY B 350 -20.89 0.31 -28.80
C GLY B 350 -19.94 1.09 -29.70
N GLN B 351 -18.75 1.42 -29.20
CA GLN B 351 -17.83 2.16 -30.04
C GLN B 351 -17.28 1.29 -31.16
N ASN B 352 -17.21 -0.03 -30.95
CA ASN B 352 -16.87 -0.90 -32.08
C ASN B 352 -18.04 -1.10 -33.03
N ILE B 353 -19.29 -1.02 -32.54
CA ILE B 353 -20.43 -0.93 -33.45
C ILE B 353 -20.24 0.24 -34.39
N ILE B 354 -19.92 1.40 -33.83
CA ILE B 354 -19.79 2.62 -34.63
C ILE B 354 -18.66 2.48 -35.63
N PHE B 355 -17.51 2.00 -35.17
CA PHE B 355 -16.35 1.88 -36.05
C PHE B 355 -16.58 0.85 -37.15
N SER B 356 -17.18 -0.30 -36.83
CA SER B 356 -17.37 -1.32 -37.84
C SER B 356 -18.49 -0.96 -38.81
N SER B 357 -19.50 -0.21 -38.36
CA SER B 357 -20.48 0.33 -39.29
C SER B 357 -19.83 1.32 -40.24
N ALA B 358 -18.89 2.14 -39.73
CA ALA B 358 -18.13 3.01 -40.60
C ALA B 358 -17.33 2.22 -41.62
N LEU B 359 -16.67 1.15 -41.18
CA LEU B 359 -15.88 0.33 -42.10
C LEU B 359 -16.74 -0.31 -43.17
N THR B 360 -17.92 -0.79 -42.80
CA THR B 360 -18.84 -1.37 -43.77
C THR B 360 -19.31 -0.32 -44.77
N LEU B 361 -19.64 0.88 -44.30
CA LEU B 361 -20.12 1.92 -45.21
C LEU B 361 -19.02 2.38 -46.15
N MET B 362 -17.79 2.49 -45.66
CA MET B 362 -16.67 2.88 -46.50
C MET B 362 -16.34 1.80 -47.51
N MET B 363 -16.48 0.54 -47.14
CA MET B 363 -16.23 -0.53 -48.10
C MET B 363 -17.36 -0.62 -49.11
N TRP B 364 -18.58 -0.24 -48.72
CA TRP B 364 -19.67 -0.11 -49.69
C TRP B 364 -19.37 0.99 -50.70
N LEU B 365 -18.87 2.14 -50.23
CA LEU B 365 -18.50 3.20 -51.16
C LEU B 365 -17.37 2.76 -52.07
N GLY B 366 -16.40 2.02 -51.53
CA GLY B 366 -15.32 1.50 -52.35
C GLY B 366 -15.81 0.49 -53.39
N ALA B 367 -16.77 -0.35 -53.01
CA ALA B 367 -17.35 -1.30 -53.95
C ALA B 367 -18.11 -0.58 -55.06
N ARG B 368 -18.85 0.47 -54.70
CA ARG B 368 -19.53 1.27 -55.71
C ARG B 368 -18.53 1.94 -56.65
N GLY B 369 -17.40 2.41 -56.11
CA GLY B 369 -16.37 2.97 -56.96
C GLY B 369 -15.72 1.93 -57.86
N VAL B 370 -15.53 0.72 -57.35
CA VAL B 370 -14.92 -0.34 -58.15
C VAL B 370 -15.83 -0.75 -59.30
N LEU B 371 -17.13 -0.87 -59.02
CA LEU B 371 -18.07 -1.28 -60.07
C LEU B 371 -18.26 -0.18 -61.11
N ALA B 372 -18.07 1.08 -60.73
CA ALA B 372 -18.17 2.19 -61.68
C ALA B 372 -16.89 2.41 -62.46
N GLY B 373 -15.84 1.63 -62.18
CA GLY B 373 -14.58 1.77 -62.87
C GLY B 373 -13.64 2.81 -62.32
N ASP B 374 -14.07 3.60 -61.34
CA ASP B 374 -13.20 4.63 -60.77
C ASP B 374 -12.09 4.00 -59.94
N LEU B 375 -12.40 2.93 -59.22
CA LEU B 375 -11.46 2.31 -58.30
C LEU B 375 -11.07 0.92 -58.80
N SER B 376 -9.99 0.41 -58.25
CA SER B 376 -9.55 -0.95 -58.51
C SER B 376 -9.71 -1.81 -57.26
N VAL B 377 -9.41 -3.09 -57.40
CA VAL B 377 -9.46 -4.01 -56.26
C VAL B 377 -8.43 -3.61 -55.21
N GLY B 378 -7.24 -3.22 -55.66
CA GLY B 378 -6.22 -2.77 -54.74
C GLY B 378 -6.64 -1.53 -53.96
N ASP B 379 -7.41 -0.65 -54.57
CA ASP B 379 -7.88 0.52 -53.84
C ASP B 379 -8.85 0.12 -52.74
N LEU B 380 -9.69 -0.88 -53.00
CA LEU B 380 -10.61 -1.37 -51.97
C LEU B 380 -9.86 -2.00 -50.81
N VAL B 381 -8.84 -2.82 -51.12
CA VAL B 381 -8.06 -3.40 -50.03
C VAL B 381 -7.24 -2.33 -49.32
N LEU B 382 -6.87 -1.25 -50.02
CA LEU B 382 -6.19 -0.13 -49.37
C LEU B 382 -7.10 0.54 -48.35
N ILE B 383 -8.36 0.79 -48.74
CA ILE B 383 -9.33 1.38 -47.82
C ILE B 383 -9.51 0.50 -46.59
N ASN B 384 -9.75 -0.79 -46.83
CA ASN B 384 -10.00 -1.70 -45.72
C ASN B 384 -8.79 -1.82 -44.81
N GLN B 385 -7.58 -1.90 -45.39
CA GLN B 385 -6.38 -2.06 -44.60
C GLN B 385 -6.08 -0.81 -43.78
N LEU B 386 -6.28 0.38 -44.36
CA LEU B 386 -6.08 1.61 -43.61
C LEU B 386 -7.02 1.69 -42.41
N VAL B 387 -8.31 1.41 -42.64
CA VAL B 387 -9.27 1.51 -41.53
C VAL B 387 -9.03 0.42 -40.50
N PHE B 388 -8.57 -0.77 -40.92
CA PHE B 388 -8.31 -1.84 -39.96
C PHE B 388 -7.09 -1.53 -39.11
N GLN B 389 -6.03 -1.01 -39.73
CA GLN B 389 -4.86 -0.59 -38.96
C GLN B 389 -5.17 0.61 -38.08
N LEU B 390 -6.24 1.34 -38.41
CA LEU B 390 -6.77 2.31 -37.46
C LEU B 390 -7.52 1.64 -36.32
N SER B 391 -8.17 0.50 -36.60
CA SER B 391 -8.94 -0.21 -35.57
C SER B 391 -8.03 -0.75 -34.48
N VAL B 392 -6.85 -1.22 -34.86
CA VAL B 392 -5.96 -1.86 -33.88
C VAL B 392 -5.63 -0.97 -32.68
N PRO B 393 -5.15 0.26 -32.83
CA PRO B 393 -4.99 1.10 -31.64
C PRO B 393 -6.30 1.43 -30.96
N LEU B 394 -7.40 1.54 -31.70
CA LEU B 394 -8.65 1.95 -31.07
C LEU B 394 -9.17 0.89 -30.11
N ASN B 395 -9.12 -0.39 -30.48
CA ASN B 395 -9.54 -1.37 -29.49
C ASN B 395 -8.43 -1.66 -28.47
N PHE B 396 -7.18 -1.24 -28.74
CA PHE B 396 -6.20 -1.23 -27.65
C PHE B 396 -6.62 -0.22 -26.56
N LEU B 397 -6.94 1.01 -26.96
CA LEU B 397 -7.43 1.98 -25.98
C LEU B 397 -8.73 1.53 -25.34
N GLY B 398 -9.61 0.88 -26.10
CA GLY B 398 -10.83 0.37 -25.51
C GLY B 398 -10.59 -0.73 -24.50
N SER B 399 -9.53 -1.52 -24.68
CA SER B 399 -9.28 -2.62 -23.76
C SER B 399 -8.72 -2.14 -22.43
N VAL B 400 -7.91 -1.09 -22.44
CA VAL B 400 -7.21 -0.64 -21.24
C VAL B 400 -7.80 0.68 -20.71
N TYR B 401 -8.99 1.07 -21.18
CA TYR B 401 -9.60 2.33 -20.74
C TYR B 401 -9.84 2.36 -19.25
N ARG B 402 -10.12 1.19 -18.65
CA ARG B 402 -10.26 1.07 -17.21
C ARG B 402 -9.03 1.60 -16.47
N GLU B 403 -7.84 1.11 -16.85
CA GLU B 403 -6.62 1.52 -16.19
C GLU B 403 -6.31 3.00 -16.42
N LEU B 404 -6.58 3.49 -17.64
CA LEU B 404 -6.31 4.89 -17.95
C LEU B 404 -7.13 5.81 -17.06
N ARG B 405 -8.45 5.62 -17.06
CA ARG B 405 -9.30 6.53 -16.31
C ARG B 405 -9.18 6.30 -14.80
N GLN B 406 -8.79 5.10 -14.38
CA GLN B 406 -8.40 4.86 -13.00
C GLN B 406 -7.21 5.73 -12.62
N SER B 407 -6.22 5.79 -13.52
CA SER B 407 -5.09 6.69 -13.29
C SER B 407 -5.53 8.14 -13.27
N LEU B 408 -6.57 8.50 -14.01
CA LEU B 408 -7.06 9.88 -13.92
C LEU B 408 -7.63 10.20 -12.53
N LEU B 409 -8.45 9.32 -11.95
CA LEU B 409 -8.94 9.72 -10.63
C LEU B 409 -7.84 9.61 -9.57
N ASP B 410 -6.85 8.75 -9.82
CA ASP B 410 -5.64 8.79 -9.00
C ASP B 410 -4.92 10.13 -9.15
N MET B 411 -4.96 10.72 -10.35
CA MET B 411 -4.40 12.05 -10.57
C MET B 411 -5.02 13.06 -9.63
N GLU B 412 -6.37 13.16 -9.62
CA GLU B 412 -6.88 14.21 -8.73
C GLU B 412 -6.69 13.87 -7.26
N THR B 413 -6.69 12.59 -6.86
CA THR B 413 -6.49 12.34 -5.43
C THR B 413 -5.06 12.68 -4.99
N LEU B 414 -4.05 12.34 -5.80
CA LEU B 414 -2.68 12.66 -5.43
C LEU B 414 -2.41 14.16 -5.53
N PHE B 415 -2.95 14.82 -6.55
CA PHE B 415 -2.71 16.25 -6.69
C PHE B 415 -3.45 17.04 -5.63
N ASP B 416 -4.64 16.59 -5.21
CA ASP B 416 -5.32 17.21 -4.09
C ASP B 416 -4.56 16.97 -2.79
N LEU B 417 -3.86 15.83 -2.68
CA LEU B 417 -2.96 15.64 -1.56
C LEU B 417 -1.82 16.66 -1.60
N GLN B 418 -1.34 16.99 -2.79
CA GLN B 418 -0.30 18.02 -2.90
C GLN B 418 -0.83 19.42 -2.69
N LYS B 419 -2.13 19.67 -2.92
CA LYS B 419 -2.66 21.02 -2.81
C LYS B 419 -3.11 21.40 -1.40
N VAL B 420 -3.09 20.47 -0.44
CA VAL B 420 -3.51 20.81 0.91
C VAL B 420 -2.48 21.74 1.53
N ASN B 421 -2.95 22.78 2.19
CA ASN B 421 -2.07 23.79 2.75
C ASN B 421 -1.55 23.36 4.11
N VAL B 422 -0.57 24.09 4.62
CA VAL B 422 -0.11 23.96 5.99
C VAL B 422 -0.61 25.17 6.77
N THR B 423 -1.18 24.90 7.95
CA THR B 423 -1.61 26.00 8.80
C THR B 423 -0.50 26.49 9.71
N ILE B 424 0.57 25.70 9.84
CA ILE B 424 1.74 26.08 10.62
C ILE B 424 2.73 26.67 9.62
N ARG B 425 2.69 27.98 9.42
CA ARG B 425 3.50 28.64 8.42
C ARG B 425 4.41 29.67 9.08
N GLU B 426 5.62 29.79 8.55
CA GLU B 426 6.54 30.80 9.04
C GLU B 426 6.07 32.18 8.59
N ALA B 427 6.23 33.16 9.47
CA ALA B 427 6.03 34.55 9.10
C ALA B 427 7.08 34.95 8.07
N PRO B 428 6.75 35.80 7.10
CA PRO B 428 7.77 36.23 6.15
C PRO B 428 8.75 37.21 6.76
N ASN B 429 10.00 37.15 6.26
CA ASN B 429 11.14 37.82 6.86
C ASN B 429 11.29 37.41 8.33
N ALA B 430 11.54 36.12 8.53
CA ALA B 430 11.66 35.53 9.85
C ALA B 430 13.12 35.27 10.17
N LYS B 431 13.56 35.72 11.29
CA LYS B 431 14.92 35.52 11.74
C LYS B 431 15.03 34.25 12.58
N PRO B 432 16.19 33.60 12.58
CA PRO B 432 16.34 32.36 13.37
C PRO B 432 16.26 32.62 14.87
N LEU B 433 15.89 31.59 15.60
CA LEU B 433 15.73 31.71 17.04
C LEU B 433 17.08 31.95 17.71
N ALA B 434 17.14 32.98 18.54
CA ALA B 434 18.34 33.30 19.29
C ALA B 434 18.09 33.08 20.78
N LEU B 435 19.15 32.74 21.50
CA LEU B 435 19.08 32.45 22.93
C LEU B 435 20.07 33.36 23.65
N PRO B 436 19.72 34.63 23.85
CA PRO B 436 20.67 35.56 24.50
C PRO B 436 21.02 35.16 25.92
N LYS B 437 20.02 34.99 26.76
CA LYS B 437 20.16 34.29 28.02
C LYS B 437 19.75 32.83 27.80
N GLY B 438 19.58 32.08 28.88
CA GLY B 438 19.14 30.71 28.77
C GLY B 438 17.74 30.58 28.19
N GLY B 439 17.26 29.35 28.04
CA GLY B 439 15.99 29.13 27.37
C GLY B 439 14.76 29.56 28.15
N GLU B 440 14.63 30.85 28.40
CA GLU B 440 13.48 31.41 29.10
C GLU B 440 12.21 31.23 28.28
N ILE B 441 11.29 30.41 28.76
CA ILE B 441 10.03 30.14 28.08
C ILE B 441 8.91 30.80 28.85
N ARG B 442 8.07 31.56 28.16
CA ARG B 442 6.98 32.29 28.80
C ARG B 442 5.72 32.15 27.95
N PHE B 443 4.67 31.58 28.55
CA PHE B 443 3.35 31.55 27.94
C PHE B 443 2.57 32.76 28.39
N GLU B 444 1.92 33.45 27.44
CA GLU B 444 1.17 34.66 27.74
C GLU B 444 -0.25 34.51 27.21
N ASN B 445 -1.21 34.40 28.14
CA ASN B 445 -2.64 34.37 27.84
C ASN B 445 -2.99 33.33 26.78
N VAL B 446 -2.36 32.17 26.83
CA VAL B 446 -2.53 31.16 25.79
C VAL B 446 -3.87 30.46 25.97
N THR B 447 -4.67 30.47 24.91
CA THR B 447 -5.94 29.75 24.87
C THR B 447 -5.90 28.80 23.69
N PHE B 448 -6.05 27.50 23.96
CA PHE B 448 -5.93 26.51 22.91
C PHE B 448 -6.92 25.39 23.10
N GLY B 449 -7.45 24.90 21.98
CA GLY B 449 -8.27 23.70 21.95
C GLY B 449 -8.19 23.08 20.58
N TYR B 450 -7.98 21.77 20.52
CA TYR B 450 -7.92 21.10 19.22
C TYR B 450 -9.26 21.18 18.51
N TYR B 451 -10.36 21.19 19.26
CA TYR B 451 -11.68 21.46 18.75
C TYR B 451 -12.09 22.86 19.20
N PRO B 452 -12.71 23.66 18.33
CA PRO B 452 -12.98 25.06 18.69
C PRO B 452 -13.95 25.23 19.84
N ASP B 453 -14.77 24.24 20.15
CA ASP B 453 -15.75 24.35 21.20
C ASP B 453 -15.25 23.85 22.55
N ARG B 454 -14.04 23.28 22.61
CA ARG B 454 -13.46 22.82 23.87
C ARG B 454 -12.09 23.46 24.06
N PRO B 455 -11.99 24.54 24.83
CA PRO B 455 -10.68 25.07 25.19
C PRO B 455 -10.01 24.16 26.21
N ILE B 456 -8.72 23.91 26.01
CA ILE B 456 -7.98 23.05 26.92
C ILE B 456 -7.09 23.90 27.80
N LEU B 457 -6.15 24.62 27.18
CA LEU B 457 -5.45 25.68 27.88
C LEU B 457 -6.34 26.91 27.86
N ARG B 458 -6.66 27.46 29.03
CA ARG B 458 -7.62 28.55 29.13
C ARG B 458 -6.98 29.70 29.90
N ASN B 459 -6.63 30.76 29.18
CA ASN B 459 -5.96 31.93 29.74
C ASN B 459 -4.69 31.53 30.47
N LEU B 460 -3.94 30.60 29.86
CA LEU B 460 -2.74 30.07 30.49
C LEU B 460 -1.63 31.10 30.50
N SER B 461 -0.91 31.17 31.62
CA SER B 461 0.21 32.10 31.75
C SER B 461 1.22 31.47 32.70
N LEU B 462 2.26 30.87 32.16
CA LEU B 462 3.33 30.29 32.97
C LEU B 462 4.66 30.75 32.42
N THR B 463 5.65 30.79 33.31
CA THR B 463 6.99 31.33 32.98
C THR B 463 8.02 30.30 33.40
N ILE B 464 8.56 29.56 32.43
CA ILE B 464 9.60 28.59 32.69
C ILE B 464 10.94 29.33 32.77
N PRO B 465 11.64 29.28 33.91
CA PRO B 465 12.89 30.01 34.04
C PRO B 465 13.98 29.43 33.13
N ALA B 466 15.02 30.22 32.95
CA ALA B 466 16.09 29.90 32.01
C ALA B 466 17.15 29.04 32.69
N GLY B 467 17.47 27.91 32.05
CA GLY B 467 18.55 27.06 32.53
C GLY B 467 18.23 26.24 33.75
N LYS B 468 16.97 26.19 34.17
CA LYS B 468 16.58 25.49 35.38
C LYS B 468 15.73 24.27 35.03
N LYS B 469 15.80 23.25 35.88
CA LYS B 469 14.97 22.06 35.73
C LYS B 469 13.57 22.37 36.23
N VAL B 470 12.58 22.32 35.35
CA VAL B 470 11.22 22.71 35.65
C VAL B 470 10.32 21.49 35.46
N ALA B 471 9.45 21.23 36.41
CA ALA B 471 8.55 20.09 36.37
C ALA B 471 7.13 20.58 36.22
N VAL B 472 6.40 19.98 35.28
CA VAL B 472 4.98 20.24 35.11
C VAL B 472 4.22 18.99 35.50
N VAL B 473 3.33 19.12 36.49
CA VAL B 473 2.55 18.00 36.99
C VAL B 473 1.08 18.34 36.83
N GLY B 474 0.25 17.34 37.09
CA GLY B 474 -1.18 17.54 37.05
C GLY B 474 -1.93 16.25 36.81
N PRO B 475 -3.26 16.33 36.81
CA PRO B 475 -4.07 15.14 36.55
C PRO B 475 -3.94 14.68 35.11
N SER B 476 -4.38 13.45 34.87
CA SER B 476 -4.34 12.90 33.53
C SER B 476 -5.33 13.64 32.62
N GLY B 477 -4.89 13.93 31.41
CA GLY B 477 -5.71 14.66 30.47
C GLY B 477 -5.83 16.14 30.72
N CYS B 478 -5.03 16.70 31.63
CA CYS B 478 -5.16 18.09 31.99
C CYS B 478 -4.61 19.04 30.94
N GLY B 479 -3.84 18.54 29.99
CA GLY B 479 -3.27 19.39 28.96
C GLY B 479 -1.86 19.84 29.27
N LYS B 480 -1.02 18.93 29.77
CA LYS B 480 0.36 19.26 30.07
C LYS B 480 1.34 18.69 29.05
N SER B 481 0.94 17.68 28.29
CA SER B 481 1.68 17.27 27.12
C SER B 481 1.24 18.01 25.87
N THR B 482 0.17 18.80 25.97
CA THR B 482 -0.18 19.71 24.87
C THR B 482 0.63 20.99 24.92
N LEU B 483 1.32 21.26 26.03
CA LEU B 483 2.34 22.32 26.03
C LEU B 483 3.51 21.92 25.14
N LEU B 484 3.95 20.68 25.26
CA LEU B 484 5.17 20.24 24.60
C LEU B 484 5.01 20.11 23.10
N ARG B 485 3.78 20.09 22.61
CA ARG B 485 3.55 20.08 21.17
C ARG B 485 3.06 21.42 20.64
N LEU B 486 2.62 22.31 21.52
CA LEU B 486 2.27 23.66 21.13
C LEU B 486 3.42 24.63 21.34
N LEU B 487 4.40 24.26 22.17
CA LEU B 487 5.64 25.02 22.24
C LEU B 487 6.55 24.68 21.07
N PHE B 488 6.50 23.43 20.62
CA PHE B 488 7.17 22.97 19.41
C PHE B 488 6.55 23.53 18.15
N ARG B 489 5.40 24.20 18.28
CA ARG B 489 4.67 24.79 17.16
C ARG B 489 4.24 23.69 16.18
N SER B 490 3.71 22.59 16.73
CA SER B 490 2.89 21.68 15.95
C SER B 490 1.45 22.17 15.87
N TYR B 491 1.06 23.06 16.78
CA TYR B 491 -0.24 23.70 16.80
C TYR B 491 -0.05 25.16 17.14
N ASP B 492 -0.96 26.00 16.64
CA ASP B 492 -0.86 27.38 17.09
C ASP B 492 -1.94 27.68 18.13
N PRO B 493 -1.66 28.53 19.11
CA PRO B 493 -2.72 29.00 19.99
C PRO B 493 -3.71 29.87 19.25
N GLN B 494 -4.98 29.79 19.67
CA GLN B 494 -5.98 30.68 19.10
C GLN B 494 -5.82 32.09 19.64
N GLN B 495 -5.54 32.22 20.93
CA GLN B 495 -5.26 33.49 21.56
C GLN B 495 -3.94 33.39 22.32
N GLY B 496 -3.28 34.53 22.48
CA GLY B 496 -2.06 34.59 23.26
C GLY B 496 -0.82 34.25 22.45
N LYS B 497 0.33 34.43 23.10
CA LYS B 497 1.62 34.30 22.46
C LYS B 497 2.56 33.49 23.33
N ILE B 498 3.55 32.86 22.69
CA ILE B 498 4.57 32.08 23.37
C ILE B 498 5.92 32.72 23.08
N PHE B 499 6.72 32.94 24.12
CA PHE B 499 7.99 33.62 23.98
C PHE B 499 9.12 32.73 24.48
N ILE B 500 10.14 32.55 23.65
CA ILE B 500 11.40 31.95 24.05
C ILE B 500 12.43 33.07 23.99
N ASP B 501 12.84 33.56 25.16
CA ASP B 501 13.72 34.72 25.30
C ASP B 501 13.13 35.95 24.59
N ASP B 502 11.88 36.24 24.95
CA ASP B 502 11.15 37.42 24.47
C ASP B 502 11.01 37.43 22.95
N GLN B 503 11.04 36.24 22.34
CA GLN B 503 10.86 36.09 20.90
C GLN B 503 9.60 35.27 20.67
N ASP B 504 8.60 35.88 20.06
CA ASP B 504 7.39 35.16 19.70
C ASP B 504 7.74 34.05 18.72
N ILE B 505 7.41 32.81 19.08
CA ILE B 505 7.77 31.67 18.25
C ILE B 505 6.97 31.61 16.95
N LYS B 506 5.94 32.45 16.81
CA LYS B 506 5.29 32.59 15.52
C LYS B 506 6.12 33.40 14.54
N SER B 507 6.93 34.33 15.05
CA SER B 507 7.78 35.18 14.23
C SER B 507 9.20 34.64 14.12
N VAL B 508 9.36 33.32 14.19
CA VAL B 508 10.65 32.67 14.19
C VAL B 508 10.59 31.49 13.23
N THR B 509 11.66 31.26 12.48
CA THR B 509 11.72 30.15 11.54
C THR B 509 11.47 28.83 12.24
N LEU B 510 10.68 27.97 11.60
CA LEU B 510 10.36 26.67 12.18
C LEU B 510 11.62 25.80 12.31
N GLU B 511 12.54 25.91 11.36
CA GLU B 511 13.74 25.09 11.38
C GLU B 511 14.60 25.39 12.60
N SER B 512 14.83 26.67 12.89
CA SER B 512 15.67 27.03 14.03
C SER B 512 14.97 26.72 15.34
N LEU B 513 13.65 26.90 15.40
CA LEU B 513 12.92 26.58 16.62
C LEU B 513 12.94 25.10 16.91
N ARG B 514 12.73 24.27 15.90
CA ARG B 514 12.67 22.83 16.11
C ARG B 514 14.03 22.19 16.24
N LYS B 515 15.11 22.84 15.80
CA LYS B 515 16.43 22.36 16.16
C LYS B 515 16.85 22.79 17.55
N SER B 516 16.24 23.84 18.08
CA SER B 516 16.53 24.29 19.44
C SER B 516 15.76 23.54 20.50
N ILE B 517 14.88 22.63 20.11
CA ILE B 517 14.02 21.91 21.05
C ILE B 517 14.18 20.42 20.80
N GLY B 518 14.56 19.69 21.85
CA GLY B 518 14.56 18.24 21.77
C GLY B 518 13.59 17.67 22.79
N VAL B 519 12.79 16.71 22.37
CA VAL B 519 11.71 16.19 23.20
C VAL B 519 11.73 14.67 23.19
N VAL B 520 11.56 14.08 24.37
CA VAL B 520 11.26 12.66 24.51
C VAL B 520 9.74 12.52 24.52
N PRO B 521 9.14 11.92 23.49
CA PRO B 521 7.67 11.85 23.43
C PRO B 521 7.12 10.88 24.47
N GLN B 522 5.81 11.01 24.69
CA GLN B 522 5.15 10.16 25.68
C GLN B 522 5.16 8.69 25.24
N ASP B 523 4.73 8.43 24.01
CA ASP B 523 4.98 7.13 23.39
C ASP B 523 6.13 7.27 22.40
N THR B 524 6.98 6.24 22.36
CA THR B 524 8.26 6.31 21.67
C THR B 524 8.37 5.18 20.66
N PRO B 525 7.66 5.25 19.55
CA PRO B 525 7.87 4.26 18.49
C PRO B 525 9.25 4.42 17.88
N LEU B 526 9.82 3.29 17.47
CA LEU B 526 11.13 3.28 16.85
C LEU B 526 11.01 2.83 15.40
N PHE B 527 11.99 3.21 14.60
CA PHE B 527 12.05 2.74 13.23
C PHE B 527 12.36 1.25 13.21
N ASN B 528 11.88 0.57 12.16
CA ASN B 528 12.05 -0.88 12.04
C ASN B 528 13.48 -1.21 11.59
N ASP B 529 14.44 -0.81 12.41
CA ASP B 529 15.85 -0.96 12.13
C ASP B 529 16.58 -1.44 13.37
N THR B 530 17.91 -1.36 13.36
CA THR B 530 18.71 -1.82 14.48
C THR B 530 18.66 -0.80 15.62
N VAL B 531 19.25 -1.20 16.75
CA VAL B 531 19.34 -0.32 17.92
C VAL B 531 20.22 0.89 17.61
N GLU B 532 21.35 0.65 16.94
CA GLU B 532 22.30 1.73 16.71
C GLU B 532 21.74 2.79 15.76
N LEU B 533 20.94 2.37 14.77
CA LEU B 533 20.33 3.35 13.88
C LEU B 533 19.29 4.19 14.62
N ASN B 534 18.51 3.55 15.49
CA ASN B 534 17.51 4.29 16.26
C ASN B 534 18.16 5.25 17.23
N ILE B 535 19.28 4.87 17.82
CA ILE B 535 20.00 5.80 18.70
C ILE B 535 20.60 6.95 17.89
N ARG B 536 21.22 6.66 16.75
CA ARG B 536 21.85 7.70 15.96
C ARG B 536 20.85 8.53 15.18
N TYR B 537 19.57 8.17 15.21
CA TYR B 537 18.56 9.05 14.61
C TYR B 537 18.48 10.40 15.30
N GLY B 538 18.98 10.54 16.52
CA GLY B 538 19.03 11.84 17.15
C GLY B 538 19.97 12.80 16.43
N ASN B 539 21.07 12.27 15.90
CA ASN B 539 21.99 13.07 15.08
C ASN B 539 22.61 12.11 14.08
N VAL B 540 22.06 12.10 12.86
CA VAL B 540 22.38 11.04 11.90
C VAL B 540 23.83 11.07 11.47
N ASN B 541 24.48 12.23 11.55
CA ASN B 541 25.89 12.37 11.19
C ASN B 541 26.81 12.35 12.41
N ALA B 542 26.46 11.57 13.42
CA ALA B 542 27.29 11.40 14.60
C ALA B 542 28.07 10.10 14.50
N THR B 543 29.27 10.09 15.09
CA THR B 543 30.13 8.93 15.02
C THR B 543 29.68 7.87 16.02
N GLN B 544 30.30 6.70 15.93
CA GLN B 544 29.94 5.58 16.80
C GLN B 544 30.29 5.86 18.26
N GLU B 545 31.35 6.63 18.50
CA GLU B 545 31.71 6.98 19.87
C GLU B 545 30.64 7.84 20.52
N GLN B 546 30.07 8.79 19.77
CA GLN B 546 28.99 9.61 20.33
C GLN B 546 27.74 8.77 20.58
N VAL B 547 27.45 7.81 19.71
CA VAL B 547 26.31 6.91 19.93
C VAL B 547 26.51 6.11 21.20
N ILE B 548 27.73 5.58 21.40
CA ILE B 548 28.02 4.82 22.61
C ILE B 548 27.94 5.73 23.84
N ALA B 549 28.39 6.98 23.72
CA ALA B 549 28.32 7.92 24.84
C ALA B 549 26.87 8.19 25.22
N ALA B 550 26.01 8.42 24.23
CA ALA B 550 24.59 8.61 24.51
C ALA B 550 23.96 7.33 25.06
N ALA B 551 24.53 6.18 24.72
CA ALA B 551 24.06 4.93 25.30
C ALA B 551 24.41 4.83 26.77
N GLN B 552 25.63 5.24 27.17
CA GLN B 552 25.92 5.31 28.60
C GLN B 552 25.03 6.33 29.31
N LYS B 553 24.84 7.51 28.70
CA LYS B 553 24.10 8.55 29.42
C LYS B 553 22.63 8.21 29.56
N ALA B 554 22.11 7.36 28.69
CA ALA B 554 20.74 6.88 28.81
C ALA B 554 20.63 5.57 29.58
N HIS B 555 21.76 5.05 30.08
CA HIS B 555 21.80 3.87 30.95
C HIS B 555 21.24 2.64 30.25
N ILE B 556 21.71 2.41 29.02
CA ILE B 556 21.18 1.33 28.19
C ILE B 556 22.32 0.53 27.58
N HIS B 557 23.55 1.06 27.68
CA HIS B 557 24.66 0.51 26.91
C HIS B 557 25.03 -0.91 27.35
N GLU B 558 25.09 -1.15 28.66
CA GLU B 558 25.53 -2.46 29.14
C GLU B 558 24.55 -3.55 28.74
N LYS B 559 23.26 -3.23 28.73
CA LYS B 559 22.26 -4.16 28.24
C LYS B 559 22.48 -4.46 26.76
N ILE B 560 22.81 -3.44 25.97
CA ILE B 560 23.01 -3.64 24.53
C ILE B 560 24.25 -4.50 24.29
N ILE B 561 25.28 -4.33 25.11
CA ILE B 561 26.46 -5.20 25.02
C ILE B 561 26.10 -6.63 25.40
N SER B 562 25.25 -6.80 26.41
CA SER B 562 24.87 -8.14 26.85
C SER B 562 24.03 -8.90 25.82
N TRP B 563 23.43 -8.19 24.86
CA TRP B 563 22.63 -8.84 23.85
C TRP B 563 23.53 -9.56 22.84
N PRO B 564 23.00 -10.56 22.13
CA PRO B 564 23.85 -11.28 21.15
C PRO B 564 24.24 -10.43 19.96
N HIS B 565 23.30 -9.69 19.40
CA HIS B 565 23.57 -8.89 18.21
C HIS B 565 24.16 -7.53 18.56
N GLY B 566 24.25 -7.17 19.83
CA GLY B 566 24.84 -5.90 20.20
C GLY B 566 24.00 -4.73 19.74
N TYR B 567 24.66 -3.72 19.17
CA TYR B 567 23.97 -2.56 18.64
C TYR B 567 23.24 -2.86 17.34
N GLN B 568 23.45 -4.03 16.75
CA GLN B 568 22.75 -4.45 15.55
C GLN B 568 21.49 -5.24 15.87
N THR B 569 21.08 -5.28 17.14
CA THR B 569 19.85 -5.94 17.52
C THR B 569 18.66 -5.23 16.87
N ARG B 570 17.86 -5.99 16.13
CA ARG B 570 16.68 -5.42 15.51
C ARG B 570 15.61 -5.16 16.55
N VAL B 571 15.01 -3.96 16.50
CA VAL B 571 13.97 -3.60 17.45
C VAL B 571 12.57 -3.90 16.93
N GLY B 572 12.43 -4.30 15.68
CA GLY B 572 11.15 -4.72 15.16
C GLY B 572 10.26 -3.54 14.80
N GLU B 573 9.02 -3.89 14.47
CA GLU B 573 8.04 -2.90 14.04
C GLU B 573 7.63 -2.03 15.21
N ARG B 574 7.85 -0.72 15.09
CA ARG B 574 7.53 0.27 16.13
C ARG B 574 8.24 -0.02 17.45
N GLY B 575 9.44 -0.59 17.36
CA GLY B 575 10.23 -0.88 18.55
C GLY B 575 9.62 -1.92 19.47
N LEU B 576 8.94 -2.92 18.90
CA LEU B 576 8.22 -3.90 19.71
C LEU B 576 9.03 -5.15 20.00
N MET B 577 10.17 -5.33 19.36
CA MET B 577 11.02 -6.48 19.63
C MET B 577 12.06 -6.20 20.71
N ILE B 578 11.88 -5.12 21.48
CA ILE B 578 12.62 -4.86 22.69
C ILE B 578 11.62 -4.43 23.76
N SER B 579 12.07 -4.41 25.01
CA SER B 579 11.18 -4.08 26.10
C SER B 579 10.87 -2.58 26.09
N GLY B 580 9.77 -2.22 26.76
CA GLY B 580 9.33 -0.84 26.76
C GLY B 580 10.27 0.09 27.50
N GLY B 581 10.88 -0.40 28.59
CA GLY B 581 11.86 0.41 29.30
C GLY B 581 13.11 0.65 28.49
N GLU B 582 13.59 -0.38 27.79
CA GLU B 582 14.74 -0.22 26.91
C GLU B 582 14.42 0.68 25.73
N LYS B 583 13.19 0.58 25.20
CA LYS B 583 12.76 1.48 24.13
C LYS B 583 12.72 2.93 24.60
N GLN B 584 12.21 3.15 25.81
CA GLN B 584 12.16 4.50 26.35
C GLN B 584 13.55 5.05 26.59
N ARG B 585 14.47 4.20 27.07
CA ARG B 585 15.85 4.64 27.23
C ARG B 585 16.52 4.91 25.89
N LEU B 586 16.14 4.19 24.84
CA LEU B 586 16.65 4.52 23.50
C LEU B 586 16.15 5.89 23.06
N ALA B 587 14.90 6.22 23.35
CA ALA B 587 14.39 7.56 23.03
C ALA B 587 15.14 8.63 23.81
N VAL B 588 15.40 8.38 25.09
CA VAL B 588 16.20 9.31 25.88
C VAL B 588 17.60 9.45 25.29
N SER B 589 18.14 8.35 24.76
CA SER B 589 19.44 8.40 24.11
C SER B 589 19.40 9.25 22.84
N ARG B 590 18.31 9.18 22.09
CA ARG B 590 18.16 10.06 20.92
C ARG B 590 18.17 11.52 21.33
N LEU B 591 17.43 11.85 22.40
CA LEU B 591 17.44 13.22 22.88
C LEU B 591 18.83 13.64 23.35
N ILE B 592 19.55 12.74 24.03
CA ILE B 592 20.89 13.05 24.51
C ILE B 592 21.84 13.30 23.34
N LEU B 593 21.76 12.46 22.31
CA LEU B 593 22.61 12.61 21.15
C LEU B 593 22.30 13.87 20.36
N LYS B 594 21.03 14.31 20.35
CA LYS B 594 20.68 15.54 19.65
C LYS B 594 21.34 16.75 20.30
N ASP B 595 21.40 16.76 21.64
CA ASP B 595 21.95 17.84 22.46
C ASP B 595 21.33 19.20 22.12
N PRO B 596 20.07 19.43 22.47
CA PRO B 596 19.44 20.71 22.16
C PRO B 596 19.57 21.67 23.34
N PRO B 597 19.29 22.96 23.13
CA PRO B 597 19.25 23.87 24.28
C PRO B 597 18.05 23.67 25.17
N LEU B 598 16.91 23.23 24.63
CA LEU B 598 15.68 23.03 25.39
C LEU B 598 15.33 21.56 25.38
N LEU B 599 15.15 20.98 26.56
CA LEU B 599 14.88 19.57 26.74
C LEU B 599 13.50 19.39 27.31
N PHE B 600 12.66 18.62 26.62
CA PHE B 600 11.30 18.33 27.08
C PHE B 600 11.15 16.83 27.27
N PHE B 601 10.93 16.42 28.52
CA PHE B 601 10.74 15.02 28.84
C PHE B 601 9.27 14.78 29.16
N ASP B 602 8.60 14.01 28.32
CA ASP B 602 7.17 13.72 28.47
C ASP B 602 7.03 12.32 29.06
N GLN B 603 7.17 12.26 30.39
CA GLN B 603 7.16 11.01 31.15
C GLN B 603 8.23 10.04 30.62
N ALA B 604 9.48 10.48 30.75
CA ALA B 604 10.60 9.73 30.21
C ALA B 604 10.98 8.52 31.05
N THR B 605 10.42 8.39 32.24
CA THR B 605 10.70 7.27 33.13
C THR B 605 9.42 6.52 33.48
N SER B 606 8.47 6.49 32.56
CA SER B 606 7.18 5.88 32.86
C SER B 606 7.25 4.35 32.86
N ALA B 607 8.11 3.77 32.03
CA ALA B 607 8.20 2.32 31.89
C ALA B 607 9.50 1.76 32.46
N LEU B 608 10.05 2.40 33.48
CA LEU B 608 11.31 1.99 34.07
C LEU B 608 11.12 1.66 35.54
N ASP B 609 11.87 0.67 36.02
CA ASP B 609 11.85 0.33 37.43
C ASP B 609 12.55 1.41 38.23
N THR B 610 12.46 1.30 39.55
CA THR B 610 12.89 2.38 40.43
C THR B 610 14.40 2.61 40.35
N HIS B 611 15.20 1.54 40.34
CA HIS B 611 16.64 1.70 40.22
C HIS B 611 17.03 2.28 38.87
N THR B 612 16.44 1.77 37.79
CA THR B 612 16.79 2.25 36.46
C THR B 612 16.37 3.69 36.27
N GLU B 613 15.17 4.07 36.73
CA GLU B 613 14.78 5.46 36.59
C GLU B 613 15.61 6.36 37.50
N GLN B 614 16.05 5.84 38.64
CA GLN B 614 16.89 6.64 39.53
C GLN B 614 18.24 6.92 38.89
N ALA B 615 18.87 5.90 38.31
CA ALA B 615 20.15 6.11 37.63
C ALA B 615 20.01 6.98 36.40
N LEU B 616 18.94 6.76 35.61
CA LEU B 616 18.72 7.57 34.42
C LEU B 616 18.46 9.02 34.78
N MET B 617 17.66 9.26 35.82
CA MET B 617 17.41 10.63 36.26
C MET B 617 18.67 11.27 36.82
N ALA B 618 19.54 10.50 37.45
CA ALA B 618 20.82 11.04 37.89
C ALA B 618 21.65 11.52 36.69
N ASN B 619 21.75 10.68 35.66
CA ASN B 619 22.50 11.06 34.47
C ASN B 619 21.87 12.27 33.77
N ILE B 620 20.54 12.28 33.66
CA ILE B 620 19.85 13.39 32.99
C ILE B 620 20.03 14.68 33.78
N ASN B 621 19.93 14.60 35.11
CA ASN B 621 20.09 15.79 35.95
C ASN B 621 21.50 16.34 35.85
N GLU B 622 22.51 15.47 35.84
CA GLU B 622 23.87 15.99 35.74
C GLU B 622 24.16 16.54 34.34
N VAL B 623 23.53 15.97 33.31
CA VAL B 623 23.64 16.55 31.96
C VAL B 623 23.03 17.94 31.93
N VAL B 624 21.83 18.09 32.51
CA VAL B 624 21.13 19.36 32.49
C VAL B 624 21.88 20.40 33.30
N LYS B 625 22.39 20.01 34.47
CA LYS B 625 23.09 20.97 35.33
C LYS B 625 24.44 21.35 34.73
N GLU B 626 25.13 20.40 34.09
CA GLU B 626 26.45 20.71 33.54
C GLU B 626 26.36 21.65 32.35
N LYS B 627 25.38 21.44 31.47
CA LYS B 627 25.25 22.25 30.26
C LYS B 627 24.28 23.41 30.42
N LYS B 628 23.72 23.60 31.61
CA LYS B 628 22.77 24.69 31.91
C LYS B 628 21.58 24.68 30.95
N ARG B 629 21.09 23.48 30.65
CA ARG B 629 19.94 23.34 29.76
C ARG B 629 18.65 23.68 30.49
N THR B 630 17.70 24.23 29.75
CA THR B 630 16.35 24.45 30.26
C THR B 630 15.56 23.17 30.04
N ALA B 631 15.40 22.39 31.09
CA ALA B 631 14.74 21.10 31.01
C ALA B 631 13.35 21.20 31.60
N LEU B 632 12.35 20.73 30.84
CA LEU B 632 10.96 20.77 31.26
C LEU B 632 10.45 19.34 31.35
N PHE B 633 10.27 18.85 32.57
CA PHE B 633 9.89 17.47 32.84
C PHE B 633 8.39 17.39 33.08
N VAL B 634 7.68 16.73 32.17
CA VAL B 634 6.30 16.36 32.41
C VAL B 634 6.32 14.96 32.99
N ALA B 635 5.85 14.81 34.22
CA ALA B 635 6.01 13.55 34.92
C ALA B 635 4.86 13.31 35.88
N HIS B 636 4.38 12.07 35.91
CA HIS B 636 3.42 11.62 36.90
C HIS B 636 4.08 10.97 38.10
N ARG B 637 5.31 10.49 37.95
CA ARG B 637 6.09 9.98 39.07
C ARG B 637 6.75 11.19 39.73
N LEU B 638 6.16 11.63 40.84
CA LEU B 638 6.66 12.83 41.52
C LEU B 638 8.01 12.63 42.16
N ARG B 639 8.44 11.38 42.33
CA ARG B 639 9.68 11.11 43.04
C ARG B 639 10.90 11.39 42.17
N THR B 640 10.70 11.58 40.86
CA THR B 640 11.78 11.94 39.95
C THR B 640 11.97 13.45 39.83
N ILE B 641 11.02 14.25 40.31
CA ILE B 641 11.07 15.69 40.09
C ILE B 641 10.88 16.45 41.39
N TYR B 642 11.13 15.80 42.52
CA TYR B 642 11.05 16.50 43.80
C TYR B 642 12.19 17.46 44.00
N ASP B 643 13.27 17.33 43.23
CA ASP B 643 14.41 18.23 43.31
C ASP B 643 14.41 19.27 42.19
N ALA B 644 13.29 19.41 41.48
CA ALA B 644 13.20 20.40 40.42
C ALA B 644 13.19 21.81 40.99
N ASP B 645 13.78 22.74 40.23
CA ASP B 645 13.85 24.13 40.68
C ASP B 645 12.46 24.75 40.75
N LEU B 646 11.62 24.50 39.76
CA LEU B 646 10.25 25.00 39.74
C LEU B 646 9.32 23.85 39.42
N ILE B 647 8.24 23.71 40.20
CA ILE B 647 7.23 22.70 39.95
C ILE B 647 5.93 23.42 39.61
N ILE B 648 5.40 23.14 38.43
CA ILE B 648 4.20 23.79 37.92
C ILE B 648 3.07 22.78 37.98
N VAL B 649 2.05 23.06 38.77
CA VAL B 649 0.90 22.19 38.90
C VAL B 649 -0.18 22.69 37.95
N LEU B 650 -0.57 21.84 37.00
CA LEU B 650 -1.49 22.21 35.94
C LEU B 650 -2.77 21.43 36.11
N LYS B 651 -3.85 22.12 36.48
CA LYS B 651 -5.16 21.51 36.59
C LYS B 651 -6.14 22.31 35.74
N GLU B 652 -7.08 21.59 35.11
CA GLU B 652 -8.11 22.10 34.20
C GLU B 652 -7.57 23.12 33.20
N GLY B 653 -6.33 22.93 32.76
CA GLY B 653 -5.75 23.79 31.75
C GLY B 653 -5.32 25.15 32.21
N VAL B 654 -5.13 25.34 33.52
CA VAL B 654 -4.62 26.59 34.06
C VAL B 654 -3.64 26.23 35.17
N VAL B 655 -2.62 27.06 35.36
CA VAL B 655 -1.66 26.84 36.43
C VAL B 655 -2.33 27.18 37.75
N VAL B 656 -2.57 26.17 38.58
CA VAL B 656 -3.22 26.41 39.85
C VAL B 656 -2.23 26.85 40.92
N GLU B 657 -0.97 26.43 40.83
CA GLU B 657 0.05 26.79 41.81
C GLU B 657 1.42 26.44 41.25
N GLN B 658 2.40 27.28 41.57
CA GLN B 658 3.80 27.05 41.21
C GLN B 658 4.64 27.02 42.48
N GLY B 659 5.95 26.98 42.31
CA GLY B 659 6.89 26.98 43.40
C GLY B 659 7.71 25.71 43.44
N SER B 660 8.58 25.65 44.43
CA SER B 660 9.42 24.48 44.62
C SER B 660 8.64 23.39 45.34
N HIS B 661 9.33 22.30 45.67
CA HIS B 661 8.71 21.18 46.36
C HIS B 661 8.30 21.59 47.78
N ARG B 662 9.25 22.18 48.52
CA ARG B 662 9.00 22.55 49.91
C ARG B 662 7.94 23.65 50.01
N GLU B 663 7.99 24.63 49.10
CA GLU B 663 6.99 25.70 49.10
C GLU B 663 5.60 25.14 48.81
N LEU B 664 5.50 24.20 47.87
CA LEU B 664 4.22 23.57 47.59
C LEU B 664 3.75 22.67 48.72
N MET B 665 4.68 22.19 49.57
CA MET B 665 4.26 21.50 50.79
C MET B 665 3.63 22.46 51.79
N GLU B 666 4.28 23.60 52.07
CA GLU B 666 3.62 24.50 53.01
C GLU B 666 2.43 25.23 52.39
N ARG B 667 2.26 25.17 51.07
CA ARG B 667 1.01 25.67 50.49
C ARG B 667 -0.15 24.76 50.83
N ASP B 668 0.12 23.46 51.02
CA ASP B 668 -0.89 22.44 51.29
C ASP B 668 -1.98 22.42 50.22
N GLY B 669 -1.56 22.56 48.97
CA GLY B 669 -2.45 22.68 47.84
C GLY B 669 -2.60 21.39 47.07
N VAL B 670 -2.73 21.52 45.75
CA VAL B 670 -2.97 20.36 44.89
C VAL B 670 -1.74 19.46 44.84
N TYR B 671 -0.54 20.05 44.82
CA TYR B 671 0.68 19.24 44.80
C TYR B 671 0.83 18.47 46.11
N ALA B 672 0.45 19.08 47.23
CA ALA B 672 0.47 18.37 48.50
C ALA B 672 -0.51 17.20 48.48
N GLU B 673 -1.67 17.37 47.86
CA GLU B 673 -2.63 16.28 47.77
C GLU B 673 -2.13 15.18 46.85
N LEU B 674 -1.39 15.55 45.80
CA LEU B 674 -0.77 14.55 44.94
C LEU B 674 0.29 13.75 45.69
N TRP B 675 1.08 14.44 46.53
CA TRP B 675 2.21 13.76 47.16
C TRP B 675 1.80 12.96 48.38
N MET B 676 0.84 13.46 49.17
CA MET B 676 0.36 12.70 50.32
C MET B 676 -0.37 11.44 49.91
N ALA B 677 -0.86 11.36 48.68
CA ALA B 677 -1.40 10.12 48.14
C ALA B 677 -0.31 9.19 47.63
N GLN B 678 0.96 9.56 47.85
CA GLN B 678 2.12 8.71 47.64
C GLN B 678 2.27 8.25 46.20
PG ATP C . 9.38 -3.33 30.71
O1G ATP C . 8.00 -3.77 31.15
O2G ATP C . 10.06 -2.39 31.64
O3G ATP C . 9.48 -2.89 29.28
PB ATP C . 9.61 -6.02 30.19
O1B ATP C . 9.15 -6.86 31.33
O2B ATP C . 8.67 -5.63 29.08
O3B ATP C . 10.25 -4.67 30.79
PA ATP C . 10.64 -8.05 28.62
O1A ATP C . 10.27 -7.61 27.23
O2A ATP C . 9.75 -9.03 29.33
O3A ATP C . 10.87 -6.77 29.56
O5' ATP C . 12.14 -8.61 28.60
C5' ATP C . 12.56 -9.48 27.55
C4' ATP C . 13.89 -8.96 27.05
O4' ATP C . 14.20 -9.65 25.85
C3' ATP C . 13.81 -7.49 26.70
O3' ATP C . 14.88 -6.80 27.34
C2' ATP C . 14.00 -7.41 25.21
O2' ATP C . 14.96 -6.38 24.92
C1' ATP C . 14.53 -8.76 24.81
N9 ATP C . 13.94 -9.31 23.56
C8 ATP C . 14.64 -9.85 22.55
N7 ATP C . 13.83 -10.27 21.55
C5 ATP C . 12.58 -10.00 21.92
C6 ATP C . 11.25 -10.19 21.32
N6 ATP C . 11.12 -10.78 20.11
N1 ATP C . 10.17 -9.78 22.02
C2 ATP C . 10.31 -9.20 23.24
N3 ATP C . 11.49 -8.99 23.84
C4 ATP C . 12.64 -9.37 23.25
MG MG D . 6.41 -5.50 31.21
PG ATP E . -1.64 12.07 30.36
O1G ATP E . -0.15 12.26 30.23
O2G ATP E . -2.11 11.71 31.72
O3G ATP E . -2.26 11.22 29.29
PB ATP E . -1.64 14.38 28.87
O1B ATP E . -0.71 15.42 29.42
O2B ATP E . -1.17 13.41 27.81
O3B ATP E . -2.24 13.53 30.10
PA ATP E . -2.80 15.94 26.91
O1A ATP E . -2.97 14.98 25.78
O2A ATP E . -1.61 16.85 26.93
O3A ATP E . -2.91 15.17 28.31
O5' ATP E . -4.13 16.83 27.01
C5' ATP E . -4.73 17.36 25.86
C4' ATP E . -6.21 17.07 25.94
O4' ATP E . -6.79 17.37 24.67
C3' ATP E . -6.47 15.61 26.20
O3' ATP E . -7.37 15.48 27.30
C2' ATP E . -7.14 15.06 24.97
O2' ATP E . -8.28 14.29 25.36
C1' ATP E . -7.58 16.29 24.20
N9 ATP E . -7.33 16.20 22.74
C8 ATP E . -8.24 16.54 21.79
N7 ATP E . -7.74 16.37 20.55
C5 ATP E . -6.50 15.92 20.68
C6 ATP E . -5.42 15.55 19.75
N6 ATP E . -5.60 15.62 18.42
N1 ATP E . -4.24 15.13 20.28
C2 ATP E . -4.07 15.06 21.61
N3 ATP E . -5.00 15.38 22.51
C4 ATP E . -6.22 15.81 22.12
MG MG F . 1.62 13.43 29.20
#